data_8HNL
#
_entry.id   8HNL
#
_cell.length_a   1.00
_cell.length_b   1.00
_cell.length_c   1.00
_cell.angle_alpha   90.00
_cell.angle_beta   90.00
_cell.angle_gamma   90.00
#
_symmetry.space_group_name_H-M   'P 1'
#
loop_
_entity.id
_entity.type
_entity.pdbx_description
1 polymer 'Guanine nucleotide-binding protein G(i) subunit alpha-1'
2 polymer 'Guanine nucleotide-binding protein G(I)/G(S)/G(T) subunit beta-1'
3 polymer 'Guanine nucleotide-binding protein G(I)/G(S)/G(O) subunit gamma-2'
4 polymer 'Soluble cytochrome b562,C-X-C chemokine receptor type 3,Oplophorus-luciferin 2-monooxygenase catalytic subunit'
5 polymer 'single-chain variable fragment scFv16'
6 non-polymer CHOLESTEROL
7 non-polymer (3S)-N-[(2S)-5-carbamimidamido-1-(cyclohexylmethylamino)-1-oxidanylidene-pentan-2-yl]-2-(4-oxidanylidene-4-phenyl-butanoyl)-3,4-dihydro-1H-isoquinoline-3-carboxamide
#
loop_
_entity_poly.entity_id
_entity_poly.type
_entity_poly.pdbx_seq_one_letter_code
_entity_poly.pdbx_strand_id
1 'polypeptide(L)'
;MGCTLSAEDKAAVERSKMIDRNLREDGEKAAREVKLLLLGAGESGKSTIVKQMKIIHEAGYSEEECKQYKAVVYSNTIQS
IIAIIRAMGRLKIDFGDSARADDARQLFVLAGAAEEGFMTAELAGVIKRLWKDSGVQACFNRSREYQLNDSAAYYLNDLD
RIAQPNYIPTQQDVLRTRVKTTGIVETHFTFKDLHFKMFDVGAQRSERKKWIHCFEGVTAIIFCVALSDYDLVLAEDEEM
NRMHESMKLFDSICNNKWFTDTSIILFLNKKDLFEEKIKKSPLTICYPEYAGSNTYEEAAAYIQCQFEDLNKRKDTKEIY
THFTCSTDTKNVQFVFDAVTDVIIKNNLKDCGLF
;
A
2 'polypeptide(L)'
;HHHHHHHHHHLEVLFQGPGSSGSELDQLRQEAEQLKNQIRDARKACADATLSQITNNIDPVGRIQMRTRRTLRGHLAKIY
AMHWGTDSRLLVSASQDGKLIIWDSYTTNKVHAIPLRSSWVMTCAYAPSGNYVACGGLDNICSIYNLKTREGNVRVSREL
AGHTGYLSCCRFLDDNQIVTSSGDTTCALWDIETGQQTTTFTGHTGDVMSLSLAPDTRLFVSGACDASAKLWDVREGMCR
QTFTGHESDINAICFFPNGNAFATGSDDATCRLFDLRADQELMTYSHDNIICGITSVSFSKSGRLLLAGYDDFNCNVWDA
LKADRAGVLAGHDNRVSCLGVTDDGMAVATGSWDSFLKIWNGASGASGASGASVSGWRLFKKIS
;
B
3 'polypeptide(L)' MASNNTASIAQARKLVEQLKMEANIDRIKVSKAAADLMAYCEAHAKEDPLLTPVPASENPFREKKFFCAIL G
4 'polypeptide(L)'
;MKTIIALSYIFCLVFADYKDDDDKGSADLEDNWETLNDNLKVIEKADNAAQVKDALTKMRAAALDAQKATPPKLEDKSPD
SPEMKDFRHGFDILVGQIDDALKLANEGKVKEAQAAAEQLKTTRNAYIQKYLLVPRGSMVLEVSDHQVLNDAEVAALLEN
FSSSYDYGENESDSCCTSPPCPQDFSLNFDRAFLPALYSLLFLLGLLGNGAVAAVLLSRRTALSSTDTFLLHLAVADTLL
VLTLPLWAVDAAVQWVFGSGLCKVAGALFNINFYAGALLLACISFDRYLNIVHATQLYRRGPPARVTLTCLAVWGLCLLF
ALPDFIFLSAHHDERLNATHCQYNFPQVGRTALRVLQLVAGFLLPLLVMAYCYAHILAVLLVSRGQRRLRAMRLVVVVVV
AFALCWTPYHLVVLVDILMDLGALARNCGRESRVDVAKSVTSGLGYMHCCLNPLLYAFVGVKFRERMWMLLLRLGCPNQR
GLQRQPSSSRRDSSWSETSVFTLEDFVGDWEQTAAYNLDQVLEQGGVSSLLQNLAVSVTPIQRIVRSGENALKIDIHVII
PYEGLSADQMAQIEEVFKVVYPVDDHHFKVILPYGTLVIDGVTPNMLNYFGRPYEGIAVFDGKKITVTGTLWNGNKIIDE
RLITPDGSMLFRVTINS
;
R
5 'polypeptide(L)'
;DVQLVESGGGLVQPGGSRKLSCSASGFAFSSFGMHWVRQAPEKGLEWVAYISSGSGTIYYADTVKGRFTISRDDPKNTLF
LQMTSLRSEDTAMYYCVRSIYYYGSSPFDFWGQGTTLTVSSGGGGSGGGGSGGGGSDIVMTQATSSVPVTPGESVSISCR
SSKSLLHSNGNTYLYWFLQRPGQSPQLLIYRMSNLASGVPDRFSGSGSGTAFTLTISRLEAEDVGVYYCMQHLEYPLTFG
AGTKLELKAAAHHHHHHHH
;
S
#
loop_
_chem_comp.id
_chem_comp.type
_chem_comp.name
_chem_comp.formula
4AI non-polymer (3S)-N-[(2S)-5-carbamimidamido-1-(cyclohexylmethylamino)-1-oxidanylidene-pentan-2-yl]-2-(4-oxidanylidene-4-phenyl-butanoyl)-3,4-dihydro-1H-isoquinoline-3-carboxamide 'C33 H44 N6 O4'
CLR non-polymer CHOLESTEROL 'C27 H46 O'
#
# COMPACT_ATOMS: atom_id res chain seq x y z
N LEU A 5 -25.47 -1.33 -14.30
CA LEU A 5 -24.27 -0.75 -13.75
C LEU A 5 -24.05 -1.16 -12.29
N SER A 6 -24.79 -0.51 -11.38
CA SER A 6 -24.63 -0.76 -9.96
C SER A 6 -25.93 -0.42 -9.26
N ALA A 7 -26.54 -1.40 -8.59
CA ALA A 7 -27.82 -1.17 -7.92
C ALA A 7 -27.64 -0.81 -6.45
N GLU A 8 -27.09 -1.73 -5.66
CA GLU A 8 -26.61 -1.45 -4.32
C GLU A 8 -25.11 -1.63 -4.22
N ASP A 9 -24.42 -1.68 -5.37
CA ASP A 9 -22.97 -1.64 -5.41
C ASP A 9 -22.43 -0.24 -5.24
N LYS A 10 -23.28 0.78 -5.42
CA LYS A 10 -22.86 2.15 -5.14
C LYS A 10 -22.57 2.33 -3.66
N ALA A 11 -23.39 1.71 -2.80
CA ALA A 11 -23.14 1.77 -1.36
C ALA A 11 -21.86 1.03 -1.00
N ALA A 12 -21.59 -0.09 -1.66
CA ALA A 12 -20.33 -0.80 -1.46
C ALA A 12 -19.14 0.06 -1.87
N VAL A 13 -19.26 0.76 -3.00
CA VAL A 13 -18.16 1.62 -3.44
C VAL A 13 -17.98 2.79 -2.48
N GLU A 14 -19.06 3.35 -1.96
CA GLU A 14 -18.96 4.42 -1.00
C GLU A 14 -18.29 3.96 0.30
N ARG A 15 -18.63 2.75 0.75
CA ARG A 15 -17.97 2.18 1.92
C ARG A 15 -16.48 1.98 1.66
N SER A 16 -16.13 1.49 0.46
CA SER A 16 -14.73 1.34 0.10
C SER A 16 -14.01 2.68 0.10
N LYS A 17 -14.67 3.74 -0.37
CA LYS A 17 -14.05 5.05 -0.40
C LYS A 17 -13.84 5.61 1.00
N MET A 18 -14.79 5.37 1.91
CA MET A 18 -14.57 5.78 3.29
C MET A 18 -13.43 5.00 3.93
N ILE A 19 -13.31 3.71 3.61
CA ILE A 19 -12.18 2.92 4.07
C ILE A 19 -10.88 3.52 3.55
N ASP A 20 -10.85 3.90 2.27
CA ASP A 20 -9.66 4.51 1.70
C ASP A 20 -9.30 5.81 2.40
N ARG A 21 -10.31 6.63 2.71
CA ARG A 21 -10.06 7.89 3.41
C ARG A 21 -9.46 7.65 4.78
N ASN A 22 -10.01 6.70 5.53
CA ASN A 22 -9.48 6.42 6.86
C ASN A 22 -8.07 5.84 6.79
N LEU A 23 -7.82 4.97 5.80
CA LEU A 23 -6.48 4.44 5.61
C LEU A 23 -5.47 5.54 5.30
N ARG A 24 -5.85 6.47 4.43
CA ARG A 24 -4.96 7.57 4.09
C ARG A 24 -4.68 8.45 5.31
N GLU A 25 -5.71 8.73 6.11
CA GLU A 25 -5.51 9.54 7.30
C GLU A 25 -4.60 8.84 8.31
N ASP A 26 -4.79 7.53 8.52
CA ASP A 26 -3.92 6.79 9.42
C ASP A 26 -2.48 6.77 8.91
N GLY A 27 -2.29 6.61 7.61
CA GLY A 27 -0.95 6.65 7.06
C GLY A 27 -0.29 8.01 7.25
N GLU A 28 -1.06 9.09 7.03
CA GLU A 28 -0.52 10.43 7.26
C GLU A 28 -0.13 10.62 8.71
N LYS A 29 -0.96 10.17 9.64
CA LYS A 29 -0.62 10.30 11.06
C LYS A 29 0.62 9.49 11.41
N ALA A 30 0.75 8.29 10.85
CA ALA A 30 1.91 7.45 11.16
C ALA A 30 3.18 7.95 10.51
N ALA A 31 3.07 8.72 9.42
CA ALA A 31 4.26 9.20 8.73
C ALA A 31 4.97 10.33 9.48
N ARG A 32 4.34 10.92 10.50
CA ARG A 32 4.99 11.97 11.28
C ARG A 32 5.52 11.46 12.61
N GLU A 33 6.08 10.25 12.62
CA GLU A 33 6.66 9.67 13.83
C GLU A 33 8.02 9.09 13.50
N VAL A 34 8.91 9.09 14.47
CA VAL A 34 10.29 8.64 14.30
C VAL A 34 10.39 7.20 14.75
N LYS A 35 11.19 6.41 14.03
CA LYS A 35 11.37 4.99 14.30
C LYS A 35 12.81 4.72 14.70
N LEU A 36 12.99 4.12 15.87
CA LEU A 36 14.29 3.75 16.37
C LEU A 36 14.31 2.24 16.64
N LEU A 37 15.38 1.58 16.22
CA LEU A 37 15.55 0.15 16.47
C LEU A 37 16.64 -0.02 17.51
N LEU A 38 16.27 -0.47 18.71
CA LEU A 38 17.21 -0.60 19.81
C LEU A 38 17.87 -1.97 19.76
N LEU A 39 19.20 -1.98 19.72
CA LEU A 39 19.98 -3.21 19.65
C LEU A 39 21.07 -3.18 20.69
N GLY A 40 21.46 -4.36 21.16
CA GLY A 40 22.49 -4.49 22.15
C GLY A 40 23.01 -5.91 22.18
N ALA A 41 24.06 -6.12 22.97
CA ALA A 41 24.72 -7.42 23.08
C ALA A 41 24.55 -7.93 24.51
N GLY A 42 23.61 -8.85 24.69
CA GLY A 42 23.42 -9.48 25.99
C GLY A 42 22.94 -8.55 27.07
N GLU A 43 22.00 -7.66 26.76
CA GLU A 43 21.41 -6.71 27.72
C GLU A 43 22.51 -5.90 28.39
N SER A 44 23.26 -5.16 27.57
CA SER A 44 24.39 -4.36 28.04
C SER A 44 23.94 -2.92 28.27
N GLY A 45 23.11 -2.74 29.27
CA GLY A 45 22.59 -1.42 29.61
C GLY A 45 21.43 -0.95 28.78
N LYS A 46 20.77 -1.85 28.04
CA LYS A 46 19.61 -1.45 27.25
C LYS A 46 18.48 -0.96 28.14
N SER A 47 18.25 -1.66 29.26
CA SER A 47 17.16 -1.27 30.15
C SER A 47 17.36 0.13 30.72
N THR A 48 18.60 0.47 31.07
CA THR A 48 18.87 1.81 31.61
C THR A 48 18.56 2.89 30.59
N ILE A 49 18.89 2.66 29.33
CA ILE A 49 18.49 3.59 28.27
C ILE A 49 16.98 3.64 28.16
N VAL A 50 16.32 2.49 28.30
CA VAL A 50 14.86 2.46 28.23
C VAL A 50 14.25 3.21 29.42
N LYS A 51 14.87 3.12 30.58
CA LYS A 51 14.35 3.81 31.76
C LYS A 51 14.33 5.32 31.60
N GLN A 52 15.15 5.87 30.70
CA GLN A 52 15.11 7.31 30.44
C GLN A 52 13.81 7.75 29.80
N MET A 53 13.02 6.81 29.27
CA MET A 53 11.75 7.15 28.66
C MET A 53 10.75 7.61 29.71
N LYS A 54 9.94 8.61 29.36
CA LYS A 54 8.83 9.06 30.18
C LYS A 54 7.58 9.17 29.33
N ILE A 55 6.50 8.56 29.81
CA ILE A 55 5.21 8.61 29.11
C ILE A 55 4.07 8.56 30.12
N VAL A 179 6.07 -12.55 30.49
CA VAL A 179 5.67 -13.67 29.66
C VAL A 179 4.43 -13.30 28.88
N LYS A 180 3.81 -12.18 29.25
CA LYS A 180 2.64 -11.69 28.52
C LYS A 180 2.97 -11.42 27.06
N THR A 181 4.10 -10.76 26.81
CA THR A 181 4.65 -10.64 25.47
C THR A 181 6.15 -10.92 25.54
N THR A 182 6.66 -11.57 24.49
CA THR A 182 8.06 -11.93 24.45
C THR A 182 8.71 -11.74 23.08
N GLY A 183 7.94 -11.34 22.07
CA GLY A 183 8.48 -11.15 20.75
C GLY A 183 9.22 -9.84 20.56
N ILE A 184 8.51 -8.73 20.69
CA ILE A 184 9.06 -7.41 20.44
C ILE A 184 8.38 -6.42 21.39
N VAL A 185 9.15 -5.44 21.87
CA VAL A 185 8.66 -4.48 22.85
C VAL A 185 8.61 -3.10 22.21
N GLU A 186 7.50 -2.40 22.42
CA GLU A 186 7.30 -1.05 21.93
C GLU A 186 7.54 -0.04 23.05
N THR A 187 8.13 1.09 22.72
CA THR A 187 8.36 2.16 23.69
C THR A 187 8.11 3.50 23.03
N HIS A 188 7.06 4.19 23.46
CA HIS A 188 6.70 5.48 22.88
C HIS A 188 7.09 6.60 23.84
N PHE A 189 7.57 7.71 23.27
CA PHE A 189 7.78 8.91 24.07
C PHE A 189 7.75 10.14 23.17
N THR A 190 7.65 11.31 23.80
CA THR A 190 7.59 12.58 23.09
C THR A 190 8.66 13.51 23.64
N PHE A 191 9.41 14.14 22.75
CA PHE A 191 10.39 15.14 23.11
C PHE A 191 10.27 16.31 22.15
N LYS A 192 10.07 17.51 22.70
CA LYS A 192 9.92 18.73 21.89
C LYS A 192 8.85 18.55 20.81
N ASP A 193 7.72 17.98 21.21
CA ASP A 193 6.55 17.71 20.39
C ASP A 193 6.78 16.61 19.36
N LEU A 194 7.99 16.08 19.26
CA LEU A 194 8.29 15.02 18.30
C LEU A 194 8.05 13.66 18.96
N HIS A 195 7.40 12.75 18.23
CA HIS A 195 7.03 11.45 18.76
C HIS A 195 8.03 10.40 18.27
N PHE A 196 8.65 9.70 19.22
CA PHE A 196 9.59 8.63 18.93
C PHE A 196 9.00 7.29 19.38
N LYS A 197 9.14 6.28 18.53
CA LYS A 197 8.80 4.91 18.86
C LYS A 197 10.06 4.06 18.74
N MET A 198 10.37 3.32 19.80
CA MET A 198 11.56 2.49 19.88
C MET A 198 11.14 1.03 19.94
N PHE A 199 11.76 0.21 19.09
CA PHE A 199 11.45 -1.21 18.97
C PHE A 199 12.60 -2.01 19.56
N ASP A 200 12.29 -2.83 20.56
CA ASP A 200 13.28 -3.67 21.23
C ASP A 200 13.03 -5.12 20.82
N VAL A 201 14.03 -5.73 20.18
CA VAL A 201 13.91 -7.08 19.64
C VAL A 201 14.94 -7.98 20.31
N GLY A 202 15.27 -7.68 21.56
CA GLY A 202 16.28 -8.43 22.27
C GLY A 202 15.87 -9.79 22.78
N ALA A 203 14.59 -10.15 22.67
CA ALA A 203 14.07 -11.41 23.18
C ALA A 203 13.55 -12.29 22.04
N GLN A 204 14.28 -12.32 20.91
CA GLN A 204 13.92 -13.17 19.78
C GLN A 204 14.71 -14.47 19.77
N ARG A 205 16.04 -14.40 19.79
CA ARG A 205 16.91 -15.58 19.85
C ARG A 205 16.67 -16.52 18.67
N SER A 206 16.43 -15.94 17.50
CA SER A 206 16.25 -16.73 16.28
C SER A 206 17.17 -16.21 15.18
N GLU A 207 17.00 -16.70 13.96
CA GLU A 207 17.81 -16.23 12.84
C GLU A 207 17.54 -14.75 12.60
N ARG A 208 18.53 -13.91 12.89
CA ARG A 208 18.36 -12.47 12.70
C ARG A 208 18.22 -12.12 11.22
N LYS A 209 18.77 -12.94 10.34
CA LYS A 209 18.68 -12.65 8.91
C LYS A 209 17.30 -12.91 8.34
N LYS A 210 16.41 -13.55 9.10
CA LYS A 210 15.09 -13.88 8.59
C LYS A 210 14.02 -12.86 8.94
N TRP A 211 14.33 -11.90 9.82
CA TRP A 211 13.36 -10.86 10.16
C TRP A 211 13.98 -9.47 10.28
N ILE A 212 15.26 -9.29 9.97
CA ILE A 212 15.86 -7.96 10.08
C ILE A 212 15.36 -7.06 8.96
N HIS A 213 15.02 -7.62 7.80
CA HIS A 213 14.56 -6.82 6.68
C HIS A 213 13.23 -6.13 6.97
N CYS A 214 12.52 -6.54 8.01
CA CYS A 214 11.32 -5.82 8.43
C CYS A 214 11.64 -4.42 8.92
N PHE A 215 12.84 -4.19 9.43
CA PHE A 215 13.24 -2.89 9.97
C PHE A 215 14.07 -2.10 8.98
N GLU A 216 13.78 -2.22 7.68
CA GLU A 216 14.59 -1.54 6.67
C GLU A 216 14.35 -0.05 6.66
N GLY A 217 13.17 0.41 7.07
CA GLY A 217 12.83 1.81 6.97
C GLY A 217 12.86 2.58 8.27
N VAL A 218 13.50 2.03 9.31
CA VAL A 218 13.57 2.74 10.57
C VAL A 218 14.41 4.00 10.40
N THR A 219 14.06 5.05 11.14
CA THR A 219 14.81 6.30 11.05
C THR A 219 16.23 6.12 11.54
N ALA A 220 16.42 5.40 12.66
CA ALA A 220 17.77 5.21 13.16
C ALA A 220 17.87 3.92 13.96
N ILE A 221 19.10 3.46 14.14
CA ILE A 221 19.40 2.33 15.02
C ILE A 221 20.09 2.90 16.25
N ILE A 222 19.82 2.31 17.41
CA ILE A 222 20.43 2.72 18.67
C ILE A 222 21.16 1.50 19.23
N PHE A 223 22.48 1.50 19.13
CA PHE A 223 23.29 0.37 19.55
C PHE A 223 23.91 0.67 20.91
N CYS A 224 23.63 -0.19 21.89
CA CYS A 224 24.11 -0.01 23.26
C CYS A 224 25.25 -0.98 23.53
N VAL A 225 26.34 -0.46 24.09
CA VAL A 225 27.53 -1.26 24.41
C VAL A 225 27.96 -0.91 25.83
N ALA A 226 28.23 -1.94 26.64
CA ALA A 226 28.73 -1.73 27.98
C ALA A 226 30.25 -1.58 27.95
N LEU A 227 30.74 -0.47 28.48
CA LEU A 227 32.18 -0.22 28.47
C LEU A 227 32.92 -1.13 29.44
N SER A 228 32.27 -1.55 30.52
CA SER A 228 32.92 -2.35 31.55
C SER A 228 32.96 -3.81 31.11
N ASP A 229 33.91 -4.11 30.23
CA ASP A 229 34.09 -5.47 29.75
C ASP A 229 35.57 -5.73 29.43
N GLU A 239 32.75 -9.74 31.39
CA GLU A 239 34.17 -9.41 31.27
C GLU A 239 34.84 -10.37 30.29
N MET A 240 34.28 -11.56 30.13
CA MET A 240 34.87 -12.57 29.26
C MET A 240 34.67 -12.21 27.80
N ASN A 241 35.68 -11.55 27.22
CA ASN A 241 35.77 -11.19 25.80
C ASN A 241 34.45 -10.63 25.25
N ARG A 242 33.67 -9.98 26.11
CA ARG A 242 32.35 -9.52 25.70
C ARG A 242 32.43 -8.40 24.67
N MET A 243 33.48 -7.58 24.75
CA MET A 243 33.65 -6.52 23.76
C MET A 243 33.85 -7.08 22.36
N HIS A 244 34.47 -8.25 22.24
CA HIS A 244 34.65 -8.86 20.93
C HIS A 244 33.33 -9.31 20.34
N GLU A 245 32.45 -9.89 21.17
CA GLU A 245 31.11 -10.24 20.70
C GLU A 245 30.32 -8.98 20.33
N SER A 246 30.46 -7.92 21.12
CA SER A 246 29.79 -6.66 20.79
C SER A 246 30.27 -6.12 19.46
N MET A 247 31.58 -6.15 19.21
CA MET A 247 32.09 -5.71 17.92
C MET A 247 31.64 -6.61 16.77
N LYS A 248 31.55 -7.92 16.99
CA LYS A 248 31.05 -8.80 15.95
C LYS A 248 29.60 -8.46 15.60
N LEU A 249 28.78 -8.22 16.61
CA LEU A 249 27.40 -7.82 16.37
C LEU A 249 27.34 -6.48 15.64
N PHE A 250 28.17 -5.52 16.06
CA PHE A 250 28.19 -4.22 15.42
C PHE A 250 28.62 -4.32 13.96
N ASP A 251 29.61 -5.16 13.68
CA ASP A 251 30.05 -5.37 12.31
C ASP A 251 28.95 -6.03 11.47
N SER A 252 28.24 -6.99 12.05
CA SER A 252 27.17 -7.65 11.30
C SER A 252 25.99 -6.72 11.05
N ILE A 253 25.76 -5.76 11.95
CA ILE A 253 24.61 -4.86 11.82
C ILE A 253 24.92 -3.66 10.93
N CYS A 254 26.05 -3.00 11.17
CA CYS A 254 26.40 -1.81 10.40
C CYS A 254 26.61 -2.12 8.93
N ASN A 255 27.30 -3.22 8.64
CA ASN A 255 27.60 -3.61 7.26
C ASN A 255 26.53 -4.53 6.67
N ASN A 256 25.30 -4.44 7.15
CA ASN A 256 24.21 -5.24 6.60
C ASN A 256 23.71 -4.60 5.31
N LYS A 257 23.24 -5.45 4.40
CA LYS A 257 22.77 -4.96 3.11
C LYS A 257 21.42 -4.25 3.22
N TRP A 258 20.70 -4.44 4.32
CA TRP A 258 19.42 -3.76 4.52
C TRP A 258 19.59 -2.39 5.18
N PHE A 259 20.68 -2.18 5.91
CA PHE A 259 20.88 -0.95 6.68
C PHE A 259 21.87 -0.01 6.04
N THR A 260 21.95 0.00 4.71
CA THR A 260 22.69 1.04 4.02
C THR A 260 22.00 2.39 4.25
N ASP A 261 22.81 3.45 4.32
CA ASP A 261 22.37 4.82 4.60
C ASP A 261 21.37 4.88 5.74
N THR A 262 21.54 4.02 6.75
CA THR A 262 20.76 4.09 7.98
C THR A 262 21.73 4.41 9.12
N SER A 263 21.44 5.48 9.84
CA SER A 263 22.37 5.97 10.84
C SER A 263 22.30 5.15 12.13
N ILE A 264 23.41 5.14 12.86
CA ILE A 264 23.57 4.38 14.09
C ILE A 264 23.98 5.35 15.19
N ILE A 265 23.29 5.30 16.32
CA ILE A 265 23.61 6.07 17.51
C ILE A 265 24.22 5.10 18.50
N LEU A 266 25.50 5.28 18.80
CA LEU A 266 26.25 4.35 19.63
C LEU A 266 26.32 4.90 21.06
N PHE A 267 25.68 4.19 21.99
CA PHE A 267 25.75 4.53 23.40
C PHE A 267 26.77 3.62 24.06
N LEU A 268 27.65 4.21 24.87
CA LEU A 268 28.68 3.48 25.60
C LEU A 268 28.39 3.67 27.09
N ASN A 269 27.64 2.73 27.66
CA ASN A 269 27.16 2.87 29.02
C ASN A 269 28.23 2.45 30.03
N LYS A 270 27.92 2.66 31.31
CA LYS A 270 28.76 2.23 32.43
C LYS A 270 30.15 2.86 32.35
N LYS A 271 30.17 4.18 32.28
CA LYS A 271 31.45 4.90 32.22
C LYS A 271 32.15 4.92 33.58
N ASP A 272 31.39 4.92 34.68
CA ASP A 272 32.02 4.94 36.00
C ASP A 272 32.62 3.59 36.35
N LEU A 273 31.92 2.49 36.03
CA LEU A 273 32.52 1.18 36.20
C LEU A 273 33.74 1.02 35.31
N PHE A 274 33.70 1.60 34.10
CA PHE A 274 34.87 1.61 33.24
C PHE A 274 36.02 2.37 33.89
N GLU A 275 35.72 3.52 34.51
CA GLU A 275 36.73 4.26 35.25
C GLU A 275 37.39 3.39 36.32
N GLU A 276 36.56 2.76 37.15
CA GLU A 276 37.09 1.94 38.24
C GLU A 276 37.94 0.79 37.72
N LYS A 277 37.42 0.05 36.73
CA LYS A 277 38.14 -1.10 36.21
C LYS A 277 39.43 -0.70 35.51
N ILE A 278 39.41 0.38 34.72
CA ILE A 278 40.63 0.81 34.06
C ILE A 278 41.64 1.32 35.06
N LYS A 279 41.18 1.84 36.20
CA LYS A 279 42.10 2.13 37.30
C LYS A 279 42.71 0.83 37.83
N LYS A 280 41.90 -0.22 37.96
CA LYS A 280 42.40 -1.49 38.48
C LYS A 280 43.08 -2.31 37.39
N SER A 281 42.33 -2.69 36.35
CA SER A 281 42.80 -3.55 35.29
C SER A 281 43.13 -2.76 34.03
N PRO A 282 44.18 -3.14 33.29
CA PRO A 282 44.52 -2.42 32.07
C PRO A 282 43.67 -2.89 30.89
N LEU A 283 43.63 -2.05 29.86
CA LEU A 283 42.88 -2.34 28.65
C LEU A 283 43.57 -3.38 27.77
N THR A 284 44.84 -3.70 28.04
CA THR A 284 45.57 -4.66 27.21
C THR A 284 44.97 -6.05 27.33
N ILE A 285 44.28 -6.34 28.44
CA ILE A 285 43.66 -7.66 28.63
C ILE A 285 42.64 -7.93 27.53
N CYS A 286 42.04 -6.88 26.98
CA CYS A 286 41.10 -7.06 25.87
C CYS A 286 41.78 -6.80 24.54
N TYR A 287 42.64 -5.79 24.46
CA TYR A 287 43.32 -5.42 23.23
C TYR A 287 44.82 -5.59 23.41
N PRO A 288 45.41 -6.69 22.93
CA PRO A 288 46.87 -6.84 23.06
C PRO A 288 47.66 -5.78 22.31
N GLU A 289 47.07 -5.18 21.28
CA GLU A 289 47.78 -4.18 20.48
C GLU A 289 47.82 -2.82 21.15
N TYR A 290 46.98 -2.59 22.17
CA TYR A 290 46.90 -1.29 22.82
C TYR A 290 48.25 -0.89 23.41
N ALA A 291 48.67 0.34 23.15
CA ALA A 291 49.95 0.87 23.60
C ALA A 291 49.76 2.27 24.19
N GLY A 292 48.75 2.41 25.05
CA GLY A 292 48.46 3.68 25.69
C GLY A 292 48.40 3.55 27.20
N SER A 293 48.19 4.69 27.84
CA SER A 293 48.13 4.73 29.30
C SER A 293 46.80 4.16 29.80
N ASN A 294 46.74 3.94 31.10
CA ASN A 294 45.53 3.44 31.74
C ASN A 294 44.57 4.57 32.11
N THR A 295 44.74 5.75 31.54
CA THR A 295 43.83 6.86 31.80
C THR A 295 42.46 6.56 31.19
N TYR A 296 41.41 7.06 31.84
CA TYR A 296 40.06 6.85 31.34
C TYR A 296 39.87 7.45 29.96
N GLU A 297 40.37 8.67 29.74
CA GLU A 297 40.11 9.38 28.49
C GLU A 297 40.70 8.63 27.29
N GLU A 298 41.98 8.25 27.40
CA GLU A 298 42.63 7.57 26.27
C GLU A 298 42.01 6.22 26.00
N ALA A 299 41.70 5.46 27.05
CA ALA A 299 41.08 4.14 26.87
C ALA A 299 39.70 4.27 26.23
N ALA A 300 38.89 5.22 26.70
CA ALA A 300 37.56 5.42 26.12
C ALA A 300 37.65 5.85 24.67
N ALA A 301 38.59 6.76 24.35
CA ALA A 301 38.75 7.19 22.97
C ALA A 301 39.20 6.03 22.09
N TYR A 302 40.10 5.19 22.60
CA TYR A 302 40.56 4.03 21.84
C TYR A 302 39.40 3.06 21.57
N ILE A 303 38.56 2.82 22.57
CA ILE A 303 37.41 1.93 22.38
C ILE A 303 36.44 2.52 21.37
N GLN A 304 36.18 3.82 21.46
CA GLN A 304 35.28 4.45 20.50
C GLN A 304 35.82 4.37 19.08
N CYS A 305 37.13 4.60 18.92
CA CYS A 305 37.74 4.48 17.59
C CYS A 305 37.69 3.04 17.09
N GLN A 306 37.91 2.07 17.98
CA GLN A 306 37.83 0.68 17.57
C GLN A 306 36.44 0.31 17.08
N PHE A 307 35.41 0.82 17.75
CA PHE A 307 34.04 0.58 17.28
C PHE A 307 33.77 1.28 15.97
N GLU A 308 34.15 2.56 15.86
CA GLU A 308 33.83 3.33 14.66
C GLU A 308 34.65 2.88 13.45
N ASP A 309 35.74 2.14 13.65
CA ASP A 309 36.55 1.69 12.53
C ASP A 309 35.94 0.49 11.80
N LEU A 310 34.85 -0.08 12.32
CA LEU A 310 34.18 -1.20 11.67
C LEU A 310 33.18 -0.75 10.62
N ASN A 311 33.00 0.55 10.42
CA ASN A 311 32.04 1.06 9.44
C ASN A 311 32.70 1.10 8.07
N LYS A 312 32.31 0.18 7.18
CA LYS A 312 32.88 0.16 5.84
C LYS A 312 32.34 1.30 4.99
N ARG A 313 31.04 1.59 5.11
CA ARG A 313 30.40 2.64 4.31
C ARG A 313 30.55 3.98 5.04
N LYS A 314 31.78 4.49 5.00
CA LYS A 314 32.13 5.72 5.71
C LYS A 314 31.46 6.96 5.13
N ASP A 315 30.87 6.87 3.94
CA ASP A 315 30.34 8.04 3.25
C ASP A 315 28.82 8.15 3.33
N THR A 316 28.08 7.06 3.11
CA THR A 316 26.63 7.12 3.01
C THR A 316 25.93 7.05 4.36
N LYS A 317 26.64 6.74 5.44
CA LYS A 317 26.04 6.67 6.76
C LYS A 317 27.03 7.22 7.79
N GLU A 318 26.48 7.69 8.91
CA GLU A 318 27.26 8.31 9.96
C GLU A 318 26.94 7.65 11.29
N ILE A 319 27.92 7.66 12.18
CA ILE A 319 27.81 7.07 13.51
C ILE A 319 27.93 8.18 14.55
N TYR A 320 26.94 8.27 15.43
CA TYR A 320 26.92 9.26 16.50
C TYR A 320 27.22 8.55 17.82
N THR A 321 28.19 9.07 18.57
CA THR A 321 28.65 8.45 19.80
C THR A 321 28.36 9.36 20.99
N HIS A 322 28.02 8.75 22.11
CA HIS A 322 27.72 9.50 23.33
C HIS A 322 27.95 8.59 24.53
N PHE A 323 28.85 8.98 25.41
CA PHE A 323 29.09 8.23 26.63
C PHE A 323 27.96 8.53 27.62
N THR A 324 27.14 7.51 27.90
CA THR A 324 25.91 7.72 28.64
C THR A 324 26.19 8.21 30.06
N CYS A 325 25.51 9.29 30.45
CA CYS A 325 25.63 9.89 31.76
C CYS A 325 24.36 9.69 32.55
N SER A 326 24.44 9.97 33.86
CA SER A 326 23.32 9.71 34.76
C SER A 326 22.13 10.60 34.47
N THR A 327 22.37 11.82 33.98
CA THR A 327 21.29 12.77 33.75
C THR A 327 20.33 12.24 32.69
N ASP A 328 19.03 12.30 32.98
CA ASP A 328 18.03 11.73 32.08
C ASP A 328 17.87 12.57 30.83
N THR A 329 17.91 13.90 30.96
CA THR A 329 17.63 14.77 29.82
C THR A 329 18.73 14.69 28.76
N LYS A 330 19.97 14.40 29.17
CA LYS A 330 21.08 14.44 28.23
C LYS A 330 20.95 13.37 27.15
N ASN A 331 20.57 12.14 27.54
CA ASN A 331 20.45 11.07 26.56
C ASN A 331 19.35 11.38 25.54
N VAL A 332 18.20 11.86 26.02
CA VAL A 332 17.10 12.18 25.12
C VAL A 332 17.46 13.34 24.21
N GLN A 333 18.19 14.33 24.75
CA GLN A 333 18.62 15.45 23.93
C GLN A 333 19.59 15.00 22.84
N PHE A 334 20.52 14.10 23.19
CA PHE A 334 21.45 13.59 22.18
C PHE A 334 20.71 12.81 21.11
N VAL A 335 19.74 11.98 21.51
CA VAL A 335 18.96 11.24 20.52
C VAL A 335 18.19 12.20 19.62
N PHE A 336 17.62 13.25 20.20
CA PHE A 336 16.88 14.22 19.41
C PHE A 336 17.79 14.93 18.42
N ASP A 337 18.99 15.32 18.85
CA ASP A 337 19.92 15.99 17.93
C ASP A 337 20.35 15.07 16.80
N ALA A 338 20.64 13.80 17.12
CA ALA A 338 21.03 12.86 16.08
C ALA A 338 19.90 12.63 15.09
N VAL A 339 18.66 12.51 15.59
CA VAL A 339 17.51 12.30 14.72
C VAL A 339 17.26 13.53 13.86
N THR A 340 17.46 14.72 14.41
CA THR A 340 17.31 15.94 13.62
C THR A 340 18.34 15.98 12.49
N ASP A 341 19.58 15.61 12.78
CA ASP A 341 20.59 15.57 11.73
C ASP A 341 20.24 14.53 10.67
N VAL A 342 19.74 13.37 11.08
CA VAL A 342 19.36 12.32 10.13
C VAL A 342 18.23 12.81 9.24
N ILE A 343 17.23 13.47 9.82
CA ILE A 343 16.11 14.00 9.05
C ILE A 343 16.60 15.05 8.06
N ILE A 344 17.50 15.92 8.49
CA ILE A 344 18.03 16.95 7.60
C ILE A 344 18.73 16.31 6.41
N LYS A 345 19.59 15.32 6.66
CA LYS A 345 20.33 14.71 5.56
C LYS A 345 19.40 13.93 4.63
N ASN A 346 18.37 13.28 5.18
CA ASN A 346 17.38 12.63 4.33
C ASN A 346 16.66 13.64 3.45
N ASN A 347 16.34 14.81 4.01
CA ASN A 347 15.68 15.85 3.22
C ASN A 347 16.59 16.38 2.12
N LEU A 348 17.88 16.53 2.41
CA LEU A 348 18.82 16.89 1.35
C LEU A 348 18.85 15.83 0.25
N LYS A 349 18.81 14.55 0.61
CA LYS A 349 18.78 13.53 -0.43
C LYS A 349 17.49 13.62 -1.25
N ASP A 350 16.35 13.87 -0.60
CA ASP A 350 15.09 13.93 -1.32
C ASP A 350 14.94 15.23 -2.12
N CYS A 351 15.50 16.33 -1.62
CA CYS A 351 15.39 17.61 -2.31
C CYS A 351 16.22 17.67 -3.59
N GLY A 352 17.07 16.69 -3.83
CA GLY A 352 17.96 16.72 -4.97
C GLY A 352 19.27 17.43 -4.75
N LEU A 353 19.51 17.95 -3.54
CA LEU A 353 20.75 18.63 -3.23
C LEU A 353 21.91 17.67 -2.97
N PHE A 354 21.74 16.40 -3.29
CA PHE A 354 22.80 15.42 -3.15
C PHE A 354 22.51 14.19 -4.02
N ASP B 26 27.35 -41.56 23.50
CA ASP B 26 28.36 -41.18 22.51
C ASP B 26 28.61 -42.29 21.51
N GLN B 27 28.04 -43.47 21.79
CA GLN B 27 28.17 -44.62 20.90
C GLN B 27 27.02 -44.74 19.91
N LEU B 28 25.99 -43.90 20.03
CA LEU B 28 24.81 -44.02 19.19
C LEU B 28 24.96 -43.34 17.84
N ARG B 29 25.97 -42.50 17.66
CA ARG B 29 26.17 -41.88 16.35
C ARG B 29 26.46 -42.92 15.28
N GLN B 30 27.11 -44.03 15.65
CA GLN B 30 27.37 -45.09 14.68
C GLN B 30 26.07 -45.69 14.16
N GLU B 31 25.12 -45.96 15.06
CA GLU B 31 23.83 -46.52 14.63
C GLU B 31 23.07 -45.52 13.77
N ALA B 32 23.14 -44.23 14.13
CA ALA B 32 22.49 -43.21 13.32
C ALA B 32 23.07 -43.15 11.92
N GLU B 33 24.40 -43.21 11.81
CA GLU B 33 25.04 -43.22 10.49
C GLU B 33 24.66 -44.47 9.70
N GLN B 34 24.59 -45.61 10.38
CA GLN B 34 24.20 -46.85 9.69
C GLN B 34 22.77 -46.75 9.16
N LEU B 35 21.86 -46.23 9.97
CA LEU B 35 20.47 -46.09 9.52
C LEU B 35 20.36 -45.08 8.38
N LYS B 36 21.12 -43.99 8.45
CA LYS B 36 21.09 -43.01 7.37
C LYS B 36 21.62 -43.61 6.07
N ASN B 37 22.69 -44.41 6.15
CA ASN B 37 23.21 -45.06 4.95
C ASN B 37 22.23 -46.07 4.39
N GLN B 38 21.57 -46.83 5.26
CA GLN B 38 20.56 -47.78 4.80
C GLN B 38 19.40 -47.06 4.11
N ILE B 39 18.97 -45.93 4.67
CA ILE B 39 17.89 -45.15 4.06
C ILE B 39 18.32 -44.62 2.71
N ARG B 40 19.55 -44.12 2.61
CA ARG B 40 20.05 -43.61 1.34
C ARG B 40 20.11 -44.71 0.29
N ASP B 41 20.56 -45.90 0.68
CA ASP B 41 20.62 -47.01 -0.27
C ASP B 41 19.22 -47.45 -0.69
N ALA B 42 18.27 -47.45 0.24
CA ALA B 42 16.90 -47.80 -0.10
C ALA B 42 16.31 -46.79 -1.08
N ARG B 43 16.59 -45.51 -0.88
CA ARG B 43 16.15 -44.51 -1.85
C ARG B 43 16.85 -44.70 -3.19
N LYS B 44 18.10 -45.12 -3.17
CA LYS B 44 18.83 -45.37 -4.41
C LYS B 44 18.22 -46.51 -5.21
N ALA B 45 17.78 -47.57 -4.52
CA ALA B 45 17.25 -48.74 -5.22
C ALA B 45 15.98 -48.41 -5.98
N CYS B 46 15.20 -47.43 -5.52
CA CYS B 46 13.93 -47.10 -6.16
C CYS B 46 14.08 -46.20 -7.37
N ALA B 47 15.24 -45.56 -7.56
CA ALA B 47 15.43 -44.62 -8.66
C ALA B 47 15.74 -45.38 -9.95
N ASP B 48 14.73 -46.09 -10.44
CA ASP B 48 14.89 -46.88 -11.65
C ASP B 48 14.87 -46.02 -12.91
N ALA B 49 14.20 -44.87 -12.87
CA ALA B 49 14.11 -43.98 -14.02
C ALA B 49 14.15 -42.54 -13.52
N THR B 50 13.87 -41.60 -14.43
CA THR B 50 13.88 -40.18 -14.12
C THR B 50 12.65 -39.55 -14.74
N LEU B 51 12.06 -38.58 -14.03
CA LEU B 51 10.86 -37.92 -14.53
C LEU B 51 11.11 -37.21 -15.85
N SER B 52 12.28 -36.57 -15.99
CA SER B 52 12.58 -35.81 -17.20
C SER B 52 12.67 -36.74 -18.42
N GLN B 53 13.39 -37.85 -18.28
CA GLN B 53 13.55 -38.76 -19.41
C GLN B 53 12.28 -39.56 -19.68
N ILE B 54 11.31 -39.53 -18.77
CA ILE B 54 10.01 -40.13 -19.01
C ILE B 54 9.08 -39.16 -19.73
N THR B 55 9.07 -37.90 -19.31
CA THR B 55 8.13 -36.92 -19.85
C THR B 55 8.72 -36.09 -20.98
N ASN B 56 9.95 -36.38 -21.44
CA ASN B 56 10.50 -35.65 -22.58
C ASN B 56 9.66 -35.81 -23.84
N ASN B 57 8.93 -36.91 -23.99
CA ASN B 57 8.10 -37.12 -25.17
C ASN B 57 6.82 -36.30 -25.15
N ILE B 58 6.44 -35.75 -23.99
CA ILE B 58 5.26 -34.91 -23.91
C ILE B 58 5.52 -33.60 -24.63
N ASP B 59 4.60 -33.20 -25.50
CA ASP B 59 4.73 -31.92 -26.17
C ASP B 59 4.69 -30.78 -25.16
N PRO B 60 5.52 -29.75 -25.30
CA PRO B 60 5.63 -28.75 -24.25
C PRO B 60 4.45 -27.79 -24.25
N VAL B 61 4.17 -27.23 -23.08
CA VAL B 61 3.16 -26.18 -23.01
C VAL B 61 3.66 -24.93 -23.72
N GLY B 62 2.72 -24.14 -24.20
CA GLY B 62 3.07 -22.99 -25.00
C GLY B 62 3.71 -21.88 -24.18
N ARG B 63 4.27 -20.92 -24.91
CA ARG B 63 4.75 -19.68 -24.32
C ARG B 63 3.57 -18.87 -23.78
N ILE B 64 3.59 -18.64 -22.47
CA ILE B 64 2.44 -18.15 -21.72
C ILE B 64 2.54 -16.64 -21.57
N GLN B 65 1.53 -15.91 -22.03
CA GLN B 65 1.33 -14.52 -21.66
C GLN B 65 0.20 -14.43 -20.65
N MET B 66 0.47 -13.77 -19.52
CA MET B 66 -0.54 -13.47 -18.52
C MET B 66 -0.66 -11.96 -18.42
N ARG B 67 -1.90 -11.48 -18.39
CA ARG B 67 -2.17 -10.06 -18.40
C ARG B 67 -2.68 -9.63 -17.03
N THR B 68 -2.29 -8.43 -16.62
CA THR B 68 -2.67 -7.89 -15.31
C THR B 68 -4.08 -7.32 -15.41
N ARG B 69 -5.05 -8.08 -14.92
CA ARG B 69 -6.44 -7.64 -14.97
C ARG B 69 -6.70 -6.56 -13.95
N ARG B 70 -6.22 -6.74 -12.72
CA ARG B 70 -6.51 -5.81 -11.63
C ARG B 70 -5.24 -5.47 -10.88
N THR B 71 -5.26 -4.29 -10.25
CA THR B 71 -4.21 -3.87 -9.34
C THR B 71 -4.87 -3.25 -8.11
N LEU B 72 -4.53 -3.77 -6.94
CA LEU B 72 -5.18 -3.36 -5.70
C LEU B 72 -4.25 -2.43 -4.93
N ARG B 73 -4.75 -1.23 -4.63
CA ARG B 73 -3.98 -0.20 -3.96
C ARG B 73 -4.64 0.20 -2.65
N GLY B 74 -3.83 0.61 -1.68
CA GLY B 74 -4.33 0.98 -0.38
C GLY B 74 -3.40 0.59 0.75
N HIS B 75 -2.42 -0.25 0.45
CA HIS B 75 -1.39 -0.60 1.42
C HIS B 75 -0.24 0.41 1.32
N LEU B 76 0.22 0.89 2.47
CA LEU B 76 1.24 1.92 2.53
C LEU B 76 2.61 1.39 2.95
N ALA B 77 2.78 0.08 3.02
CA ALA B 77 4.06 -0.51 3.39
C ALA B 77 4.19 -1.85 2.68
N LYS B 78 5.31 -2.54 2.95
CA LYS B 78 5.56 -3.82 2.31
C LYS B 78 4.45 -4.81 2.64
N ILE B 79 3.93 -5.47 1.62
CA ILE B 79 2.93 -6.51 1.81
C ILE B 79 3.65 -7.82 2.07
N TYR B 80 3.38 -8.44 3.21
CA TYR B 80 4.14 -9.62 3.59
C TYR B 80 3.42 -10.93 3.34
N ALA B 81 2.09 -10.93 3.32
CA ALA B 81 1.35 -12.16 3.10
C ALA B 81 0.02 -11.86 2.43
N MET B 82 -0.54 -12.89 1.81
CA MET B 82 -1.86 -12.84 1.24
C MET B 82 -2.45 -14.25 1.25
N HIS B 83 -3.77 -14.32 1.20
CA HIS B 83 -4.44 -15.60 1.07
C HIS B 83 -5.76 -15.40 0.35
N TRP B 84 -6.17 -16.42 -0.40
CA TRP B 84 -7.42 -16.37 -1.15
C TRP B 84 -8.57 -16.93 -0.32
N GLY B 85 -9.77 -16.42 -0.59
CA GLY B 85 -10.96 -17.04 -0.06
C GLY B 85 -11.31 -18.31 -0.81
N THR B 86 -12.08 -19.17 -0.14
CA THR B 86 -12.49 -20.41 -0.77
C THR B 86 -13.44 -20.19 -1.93
N ASP B 87 -14.08 -19.03 -2.01
CA ASP B 87 -14.94 -18.70 -3.13
C ASP B 87 -14.16 -18.17 -4.33
N SER B 88 -12.85 -17.98 -4.19
CA SER B 88 -11.97 -17.51 -5.26
C SER B 88 -12.38 -16.13 -5.75
N ARG B 89 -12.98 -15.33 -4.89
CA ARG B 89 -13.31 -13.95 -5.20
C ARG B 89 -12.77 -12.96 -4.18
N LEU B 90 -12.84 -13.29 -2.89
CA LEU B 90 -12.34 -12.45 -1.82
C LEU B 90 -10.95 -12.90 -1.40
N LEU B 91 -10.08 -11.94 -1.12
CA LEU B 91 -8.74 -12.25 -0.62
C LEU B 91 -8.41 -11.33 0.54
N VAL B 92 -7.45 -11.76 1.36
CA VAL B 92 -6.96 -10.99 2.50
C VAL B 92 -5.49 -10.71 2.29
N SER B 93 -5.06 -9.50 2.61
CA SER B 93 -3.66 -9.13 2.50
C SER B 93 -3.21 -8.47 3.80
N ALA B 94 -2.00 -8.82 4.24
CA ALA B 94 -1.41 -8.29 5.46
C ALA B 94 -0.19 -7.45 5.10
N SER B 95 -0.16 -6.22 5.63
CA SER B 95 0.97 -5.33 5.39
C SER B 95 1.41 -4.70 6.70
N GLN B 96 2.72 -4.43 6.77
CA GLN B 96 3.38 -3.95 7.97
C GLN B 96 3.14 -2.47 8.24
N ASP B 97 2.18 -1.85 7.56
CA ASP B 97 1.56 -0.64 8.08
C ASP B 97 0.56 -0.95 9.17
N GLY B 98 0.61 -2.16 9.69
CA GLY B 98 -0.34 -2.65 10.67
C GLY B 98 -1.74 -2.81 10.13
N LYS B 99 -1.89 -3.39 8.94
CA LYS B 99 -3.21 -3.48 8.33
C LYS B 99 -3.47 -4.86 7.75
N LEU B 100 -4.71 -5.34 7.93
CA LEU B 100 -5.28 -6.43 7.16
C LEU B 100 -6.38 -5.84 6.30
N ILE B 101 -6.33 -6.09 5.00
CA ILE B 101 -7.35 -5.58 4.09
C ILE B 101 -7.99 -6.77 3.38
N ILE B 102 -9.32 -6.79 3.34
CA ILE B 102 -10.07 -7.80 2.62
C ILE B 102 -10.59 -7.16 1.34
N TRP B 103 -10.17 -7.71 0.20
CA TRP B 103 -10.52 -7.19 -1.11
C TRP B 103 -11.50 -8.11 -1.81
N ASP B 104 -12.49 -7.50 -2.46
CA ASP B 104 -13.29 -8.17 -3.49
C ASP B 104 -12.56 -7.99 -4.81
N SER B 105 -11.98 -9.07 -5.33
CA SER B 105 -11.07 -8.96 -6.46
C SER B 105 -11.80 -8.56 -7.74
N TYR B 106 -13.07 -8.93 -7.88
CA TYR B 106 -13.80 -8.64 -9.12
C TYR B 106 -13.97 -7.13 -9.32
N THR B 107 -14.24 -6.40 -8.24
CA THR B 107 -14.49 -4.97 -8.31
C THR B 107 -13.42 -4.13 -7.62
N THR B 108 -12.38 -4.77 -7.07
CA THR B 108 -11.30 -4.08 -6.35
C THR B 108 -11.84 -3.27 -5.17
N ASN B 109 -12.92 -3.74 -4.55
CA ASN B 109 -13.50 -3.06 -3.40
C ASN B 109 -12.89 -3.58 -2.12
N LYS B 110 -12.83 -2.71 -1.12
CA LYS B 110 -12.32 -3.05 0.21
C LYS B 110 -13.51 -3.41 1.09
N VAL B 111 -13.71 -4.70 1.33
CA VAL B 111 -14.80 -5.15 2.18
C VAL B 111 -14.53 -4.75 3.63
N HIS B 112 -13.32 -5.03 4.12
CA HIS B 112 -12.98 -4.80 5.51
C HIS B 112 -11.55 -4.30 5.61
N ALA B 113 -11.29 -3.49 6.64
CA ALA B 113 -9.94 -3.06 7.00
C ALA B 113 -9.78 -3.23 8.50
N ILE B 114 -8.85 -4.07 8.90
CA ILE B 114 -8.63 -4.44 10.29
C ILE B 114 -7.31 -3.84 10.75
N PRO B 115 -7.30 -3.03 11.82
CA PRO B 115 -6.03 -2.55 12.38
C PRO B 115 -5.48 -3.51 13.43
N LEU B 116 -4.20 -3.84 13.32
CA LEU B 116 -3.58 -4.81 14.21
C LEU B 116 -2.91 -4.12 15.38
N ARG B 117 -2.88 -4.82 16.52
CA ARG B 117 -2.16 -4.31 17.69
C ARG B 117 -0.66 -4.21 17.42
N SER B 118 -0.11 -5.19 16.72
CA SER B 118 1.31 -5.21 16.37
C SER B 118 1.46 -5.00 14.88
N SER B 119 2.24 -3.98 14.50
CA SER B 119 2.48 -3.66 13.11
C SER B 119 3.38 -4.67 12.40
N TRP B 120 4.03 -5.56 13.15
CA TRP B 120 5.03 -6.47 12.57
C TRP B 120 4.36 -7.80 12.26
N VAL B 121 3.61 -7.80 11.16
CA VAL B 121 2.87 -8.98 10.71
C VAL B 121 3.62 -9.59 9.53
N MET B 122 3.82 -10.91 9.59
CA MET B 122 4.56 -11.62 8.56
C MET B 122 3.77 -12.76 7.94
N THR B 123 2.52 -12.97 8.36
CA THR B 123 1.70 -14.01 7.76
C THR B 123 0.22 -13.67 7.97
N CYS B 124 -0.62 -14.32 7.17
CA CYS B 124 -2.06 -14.19 7.30
C CYS B 124 -2.71 -15.42 6.67
N ALA B 125 -3.91 -15.72 7.15
CA ALA B 125 -4.68 -16.84 6.62
C ALA B 125 -6.14 -16.42 6.54
N TYR B 126 -6.91 -17.15 5.74
CA TYR B 126 -8.32 -16.88 5.55
C TYR B 126 -9.06 -18.19 5.73
N ALA B 127 -10.06 -18.21 6.60
CA ALA B 127 -10.70 -19.47 6.97
C ALA B 127 -11.42 -20.07 5.77
N PRO B 128 -11.47 -21.40 5.66
CA PRO B 128 -12.22 -22.02 4.55
C PRO B 128 -13.70 -21.66 4.56
N SER B 129 -14.29 -21.50 5.75
CA SER B 129 -15.68 -21.05 5.83
C SER B 129 -15.82 -19.56 5.56
N GLY B 130 -14.75 -18.79 5.72
CA GLY B 130 -14.80 -17.35 5.53
C GLY B 130 -15.25 -16.56 6.74
N ASN B 131 -15.49 -17.22 7.87
CA ASN B 131 -15.98 -16.51 9.04
C ASN B 131 -14.86 -15.76 9.77
N TYR B 132 -13.66 -16.33 9.80
CA TYR B 132 -12.55 -15.74 10.54
C TYR B 132 -11.34 -15.54 9.62
N VAL B 133 -10.42 -14.69 10.09
CA VAL B 133 -9.10 -14.54 9.50
C VAL B 133 -8.09 -14.67 10.62
N ALA B 134 -6.82 -14.84 10.24
CA ALA B 134 -5.73 -14.98 11.18
C ALA B 134 -4.54 -14.15 10.74
N CYS B 135 -3.72 -13.76 11.71
CA CYS B 135 -2.48 -13.07 11.42
C CYS B 135 -1.48 -13.35 12.53
N GLY B 136 -0.22 -13.05 12.25
CA GLY B 136 0.84 -13.26 13.23
C GLY B 136 2.12 -12.65 12.71
N GLY B 137 3.13 -12.67 13.57
CA GLY B 137 4.40 -12.08 13.19
C GLY B 137 5.44 -12.05 14.29
N LEU B 138 6.10 -10.91 14.45
CA LEU B 138 7.19 -10.76 15.41
C LEU B 138 6.72 -10.63 16.85
N ASP B 139 5.42 -10.78 17.11
CA ASP B 139 4.89 -10.76 18.46
C ASP B 139 4.64 -12.14 19.04
N ASN B 140 4.95 -13.20 18.28
CA ASN B 140 4.84 -14.58 18.72
C ASN B 140 3.41 -14.97 19.07
N ILE B 141 2.43 -14.20 18.62
CA ILE B 141 1.02 -14.42 18.94
C ILE B 141 0.24 -14.53 17.64
N CYS B 142 -0.63 -15.54 17.56
CA CYS B 142 -1.52 -15.70 16.42
C CYS B 142 -2.88 -15.12 16.77
N SER B 143 -3.25 -14.04 16.12
CA SER B 143 -4.51 -13.36 16.39
C SER B 143 -5.56 -13.81 15.38
N ILE B 144 -6.74 -14.16 15.88
CA ILE B 144 -7.85 -14.66 15.07
C ILE B 144 -9.00 -13.67 15.21
N TYR B 145 -9.47 -13.17 14.07
CA TYR B 145 -10.49 -12.14 14.00
C TYR B 145 -11.77 -12.70 13.40
N ASN B 146 -12.90 -12.32 14.00
CA ASN B 146 -14.22 -12.80 13.59
C ASN B 146 -14.87 -11.76 12.68
N LEU B 147 -15.05 -12.11 11.40
CA LEU B 147 -15.55 -11.15 10.42
C LEU B 147 -17.05 -10.93 10.55
N LYS B 148 -17.81 -11.96 10.92
CA LYS B 148 -19.27 -11.91 10.89
C LYS B 148 -19.79 -11.76 12.31
N THR B 149 -19.96 -10.51 12.73
CA THR B 149 -20.47 -10.17 14.06
C THR B 149 -21.78 -9.42 13.94
N ARG B 150 -22.57 -9.47 15.00
CA ARG B 150 -23.84 -8.75 15.05
C ARG B 150 -23.65 -7.25 15.20
N GLU B 151 -22.50 -6.82 15.73
CA GLU B 151 -22.26 -5.41 15.98
C GLU B 151 -21.80 -4.65 14.74
N GLY B 152 -21.58 -5.34 13.63
CA GLY B 152 -21.20 -4.67 12.40
C GLY B 152 -19.74 -4.34 12.25
N ASN B 153 -18.89 -4.78 13.18
CA ASN B 153 -17.46 -4.53 13.11
C ASN B 153 -16.69 -5.81 13.37
N VAL B 154 -15.47 -5.86 12.86
CA VAL B 154 -14.57 -6.99 13.07
C VAL B 154 -13.84 -6.78 14.39
N ARG B 155 -13.88 -7.77 15.25
CA ARG B 155 -13.22 -7.71 16.55
C ARG B 155 -12.39 -8.96 16.78
N VAL B 156 -11.32 -8.80 17.58
CA VAL B 156 -10.41 -9.91 17.83
C VAL B 156 -11.15 -11.01 18.57
N SER B 157 -11.18 -12.20 17.99
CA SER B 157 -11.83 -13.34 18.60
C SER B 157 -10.89 -14.13 19.52
N ARG B 158 -9.62 -14.24 19.16
CA ARG B 158 -8.69 -15.06 19.93
C ARG B 158 -7.27 -14.54 19.75
N GLU B 159 -6.44 -14.78 20.75
CA GLU B 159 -4.99 -14.54 20.67
C GLU B 159 -4.29 -15.78 21.22
N LEU B 160 -3.83 -16.65 20.32
CA LEU B 160 -3.12 -17.85 20.71
C LEU B 160 -1.65 -17.51 20.98
N ALA B 161 -1.19 -17.84 22.17
CA ALA B 161 0.19 -17.58 22.59
C ALA B 161 0.80 -18.86 23.12
N GLY B 162 2.13 -18.92 23.06
CA GLY B 162 2.84 -20.11 23.48
C GLY B 162 4.07 -20.38 22.64
N HIS B 163 4.12 -19.81 21.45
CA HIS B 163 5.32 -19.86 20.63
C HIS B 163 6.36 -18.90 21.19
N THR B 164 7.63 -19.32 21.15
CA THR B 164 8.73 -18.50 21.64
C THR B 164 9.51 -17.83 20.51
N GLY B 165 9.03 -17.92 19.28
CA GLY B 165 9.64 -17.23 18.15
C GLY B 165 8.57 -16.66 17.25
N TYR B 166 9.00 -15.89 16.26
CA TYR B 166 8.06 -15.25 15.34
C TYR B 166 7.24 -16.29 14.60
N LEU B 167 5.98 -15.95 14.34
CA LEU B 167 5.12 -16.79 13.52
C LEU B 167 5.49 -16.64 12.06
N SER B 168 5.73 -17.76 11.39
CA SER B 168 6.09 -17.75 9.98
C SER B 168 4.91 -18.07 9.06
N CYS B 169 4.01 -18.95 9.49
CA CYS B 169 2.86 -19.33 8.68
C CYS B 169 1.76 -19.83 9.59
N CYS B 170 0.54 -19.82 9.08
CA CYS B 170 -0.63 -20.31 9.82
C CYS B 170 -1.70 -20.68 8.82
N ARG B 171 -2.33 -21.84 9.02
CA ARG B 171 -3.32 -22.36 8.11
C ARG B 171 -4.51 -22.91 8.89
N PHE B 172 -5.71 -22.49 8.51
CA PHE B 172 -6.92 -22.99 9.15
C PHE B 172 -7.23 -24.40 8.67
N LEU B 173 -7.63 -25.26 9.61
CA LEU B 173 -8.03 -26.62 9.24
C LEU B 173 -9.54 -26.74 9.03
N ASP B 174 -10.32 -26.56 10.09
CA ASP B 174 -11.77 -26.72 10.00
C ASP B 174 -12.50 -25.66 10.82
N ASP B 175 -12.06 -24.41 10.74
CA ASP B 175 -12.71 -23.25 11.34
C ASP B 175 -12.65 -23.26 12.87
N ASN B 176 -12.09 -24.30 13.50
CA ASN B 176 -11.93 -24.33 14.95
C ASN B 176 -10.54 -24.73 15.40
N GLN B 177 -9.69 -25.24 14.52
CA GLN B 177 -8.31 -25.53 14.84
C GLN B 177 -7.41 -25.02 13.74
N ILE B 178 -6.20 -24.59 14.12
CA ILE B 178 -5.29 -23.92 13.21
C ILE B 178 -3.88 -24.47 13.45
N VAL B 179 -3.13 -24.63 12.36
CA VAL B 179 -1.74 -25.07 12.42
C VAL B 179 -0.84 -23.87 12.18
N THR B 180 0.15 -23.69 13.05
CA THR B 180 1.08 -22.57 12.95
C THR B 180 2.51 -23.11 13.00
N SER B 181 3.41 -22.38 12.37
CA SER B 181 4.84 -22.68 12.42
C SER B 181 5.56 -21.45 12.95
N SER B 182 6.61 -21.68 13.73
CA SER B 182 7.28 -20.56 14.40
C SER B 182 8.77 -20.61 14.14
N GLY B 183 9.43 -19.49 14.45
CA GLY B 183 10.86 -19.37 14.34
C GLY B 183 11.64 -19.98 15.48
N ASP B 184 10.96 -20.68 16.38
CA ASP B 184 11.62 -21.47 17.41
C ASP B 184 11.73 -22.94 17.04
N THR B 185 11.77 -23.24 15.75
CA THR B 185 11.96 -24.59 15.22
C THR B 185 10.85 -25.54 15.66
N THR B 186 9.62 -25.03 15.73
CA THR B 186 8.48 -25.84 16.11
C THR B 186 7.26 -25.48 15.27
N CYS B 187 6.31 -26.41 15.26
CA CYS B 187 4.97 -26.16 14.75
C CYS B 187 3.98 -26.55 15.84
N ALA B 188 2.74 -26.09 15.71
CA ALA B 188 1.75 -26.36 16.73
C ALA B 188 0.36 -26.36 16.12
N LEU B 189 -0.45 -27.32 16.55
CA LEU B 189 -1.87 -27.37 16.22
C LEU B 189 -2.64 -26.92 17.45
N TRP B 190 -3.49 -25.91 17.27
CA TRP B 190 -4.18 -25.23 18.35
C TRP B 190 -5.64 -25.66 18.44
N ASP B 191 -6.32 -25.12 19.44
CA ASP B 191 -7.77 -25.28 19.60
C ASP B 191 -8.30 -23.88 19.89
N ILE B 192 -8.92 -23.26 18.89
CA ILE B 192 -9.31 -21.85 18.99
C ILE B 192 -10.32 -21.65 20.10
N GLU B 193 -11.22 -22.61 20.31
CA GLU B 193 -12.25 -22.47 21.33
C GLU B 193 -11.63 -22.31 22.72
N THR B 194 -10.61 -23.11 23.03
CA THR B 194 -9.97 -23.04 24.34
C THR B 194 -8.66 -22.26 24.33
N GLY B 195 -7.97 -22.18 23.19
CA GLY B 195 -6.73 -21.44 23.12
C GLY B 195 -5.50 -22.20 23.53
N GLN B 196 -5.58 -23.53 23.61
CA GLN B 196 -4.48 -24.36 24.08
C GLN B 196 -3.89 -25.16 22.93
N GLN B 197 -2.58 -25.38 22.99
CA GLN B 197 -1.86 -26.12 21.96
C GLN B 197 -2.27 -27.59 22.04
N THR B 198 -3.12 -28.02 21.11
CA THR B 198 -3.52 -29.42 21.07
C THR B 198 -2.33 -30.33 20.80
N THR B 199 -1.48 -29.95 19.85
CA THR B 199 -0.33 -30.78 19.49
C THR B 199 0.87 -29.88 19.20
N THR B 200 2.06 -30.40 19.48
CA THR B 200 3.31 -29.70 19.20
C THR B 200 4.19 -30.59 18.34
N PHE B 201 4.58 -30.09 17.18
CA PHE B 201 5.43 -30.81 16.24
C PHE B 201 6.86 -30.29 16.37
N THR B 202 7.77 -31.16 16.81
CA THR B 202 9.17 -30.83 17.01
C THR B 202 10.03 -31.79 16.21
N GLY B 203 11.24 -31.34 15.88
CA GLY B 203 12.17 -32.17 15.14
C GLY B 203 13.02 -31.40 14.15
N HIS B 204 12.57 -30.21 13.77
CA HIS B 204 13.38 -29.36 12.92
C HIS B 204 14.54 -28.77 13.72
N THR B 205 15.59 -28.39 13.01
CA THR B 205 16.77 -27.81 13.65
C THR B 205 16.82 -26.29 13.52
N GLY B 206 16.44 -25.76 12.35
CA GLY B 206 16.36 -24.33 12.15
C GLY B 206 14.91 -23.85 12.16
N ASP B 207 14.77 -22.53 11.99
CA ASP B 207 13.45 -21.93 11.98
C ASP B 207 12.59 -22.51 10.86
N VAL B 208 11.32 -22.75 11.16
CA VAL B 208 10.39 -23.23 10.15
C VAL B 208 9.81 -22.02 9.44
N MET B 209 9.98 -21.97 8.11
CA MET B 209 9.64 -20.77 7.36
C MET B 209 8.28 -20.83 6.68
N SER B 210 7.73 -22.03 6.47
CA SER B 210 6.44 -22.15 5.79
C SER B 210 5.93 -23.56 6.00
N LEU B 211 4.60 -23.70 5.93
CA LEU B 211 3.96 -24.99 5.92
C LEU B 211 2.88 -25.00 4.87
N SER B 212 2.58 -26.19 4.36
CA SER B 212 1.54 -26.38 3.36
C SER B 212 0.58 -27.43 3.86
N LEU B 213 -0.71 -27.22 3.62
CA LEU B 213 -1.75 -28.09 4.14
C LEU B 213 -2.21 -29.05 3.04
N ALA B 214 -2.27 -30.33 3.37
CA ALA B 214 -2.67 -31.33 2.39
C ALA B 214 -4.15 -31.14 2.02
N PRO B 215 -4.54 -31.52 0.80
CA PRO B 215 -5.95 -31.35 0.40
C PRO B 215 -6.93 -32.07 1.30
N ASP B 216 -6.56 -33.22 1.86
CA ASP B 216 -7.45 -33.91 2.81
C ASP B 216 -7.29 -33.41 4.24
N THR B 217 -6.34 -32.51 4.49
CA THR B 217 -6.08 -31.95 5.82
C THR B 217 -5.77 -33.03 6.85
N ARG B 218 -5.16 -34.13 6.41
CA ARG B 218 -4.68 -35.16 7.31
C ARG B 218 -3.17 -35.15 7.50
N LEU B 219 -2.45 -34.42 6.64
CA LEU B 219 -1.01 -34.32 6.68
C LEU B 219 -0.63 -32.87 6.40
N PHE B 220 0.62 -32.53 6.70
CA PHE B 220 1.16 -31.27 6.22
C PHE B 220 2.67 -31.37 6.14
N VAL B 221 3.27 -30.43 5.40
CA VAL B 221 4.71 -30.41 5.19
C VAL B 221 5.24 -29.06 5.67
N SER B 222 6.35 -29.10 6.40
CA SER B 222 7.00 -27.90 6.90
C SER B 222 8.43 -27.85 6.40
N GLY B 223 8.83 -26.71 5.83
CA GLY B 223 10.18 -26.50 5.38
C GLY B 223 10.90 -25.54 6.32
N ALA B 224 12.12 -25.91 6.69
CA ALA B 224 12.85 -25.15 7.71
C ALA B 224 14.12 -24.55 7.12
N CYS B 225 14.85 -23.84 7.97
CA CYS B 225 16.11 -23.20 7.60
C CYS B 225 17.29 -24.17 7.66
N ASP B 226 17.07 -25.41 8.08
CA ASP B 226 18.09 -26.44 8.04
C ASP B 226 18.14 -27.15 6.69
N ALA B 227 17.60 -26.52 5.64
CA ALA B 227 17.56 -27.10 4.30
C ALA B 227 16.87 -28.44 4.28
N SER B 228 15.80 -28.57 5.07
CA SER B 228 15.05 -29.81 5.15
C SER B 228 13.56 -29.51 5.12
N ALA B 229 12.80 -30.53 4.70
CA ALA B 229 11.35 -30.51 4.75
C ALA B 229 10.89 -31.75 5.48
N LYS B 230 9.80 -31.64 6.23
CA LYS B 230 9.29 -32.76 6.99
C LYS B 230 7.80 -32.92 6.75
N LEU B 231 7.34 -34.18 6.70
CA LEU B 231 5.94 -34.51 6.47
C LEU B 231 5.35 -34.96 7.81
N TRP B 232 4.61 -34.07 8.45
CA TRP B 232 3.96 -34.36 9.72
C TRP B 232 2.56 -34.89 9.50
N ASP B 233 2.16 -35.82 10.36
CA ASP B 233 0.79 -36.31 10.42
C ASP B 233 0.04 -35.52 11.47
N VAL B 234 -1.13 -34.98 11.09
CA VAL B 234 -1.91 -34.15 12.01
C VAL B 234 -2.26 -34.94 13.26
N ARG B 235 -2.72 -36.18 13.09
CA ARG B 235 -2.88 -37.06 14.23
C ARG B 235 -1.55 -37.73 14.57
N GLU B 236 -1.42 -38.11 15.84
CA GLU B 236 -0.24 -38.80 16.39
C GLU B 236 0.98 -37.89 16.45
N GLY B 237 0.88 -36.68 15.88
CA GLY B 237 1.93 -35.69 16.04
C GLY B 237 3.33 -36.19 15.74
N MET B 238 3.48 -36.95 14.66
CA MET B 238 4.75 -37.59 14.33
C MET B 238 5.22 -37.16 12.94
N CYS B 239 6.54 -37.15 12.76
CA CYS B 239 7.14 -36.92 11.45
C CYS B 239 7.27 -38.26 10.73
N ARG B 240 6.70 -38.34 9.53
CA ARG B 240 6.72 -39.59 8.79
C ARG B 240 7.90 -39.68 7.83
N GLN B 241 8.19 -38.60 7.12
CA GLN B 241 9.28 -38.58 6.16
C GLN B 241 10.03 -37.25 6.24
N THR B 242 11.33 -37.31 5.97
CA THR B 242 12.18 -36.13 5.94
C THR B 242 12.86 -36.07 4.58
N PHE B 243 12.78 -34.92 3.93
CA PHE B 243 13.30 -34.71 2.59
C PHE B 243 14.42 -33.69 2.61
N THR B 244 15.56 -34.05 2.06
CA THR B 244 16.71 -33.18 1.91
C THR B 244 17.05 -33.05 0.43
N GLY B 245 18.01 -32.17 0.14
CA GLY B 245 18.42 -31.94 -1.23
C GLY B 245 18.70 -30.47 -1.51
N HIS B 246 18.05 -29.60 -0.75
CA HIS B 246 18.32 -28.18 -0.86
C HIS B 246 19.68 -27.85 -0.24
N GLU B 247 20.19 -26.66 -0.57
CA GLU B 247 21.49 -26.22 -0.08
C GLU B 247 21.40 -24.94 0.75
N SER B 248 20.20 -24.43 1.01
CA SER B 248 20.04 -23.18 1.74
C SER B 248 18.69 -23.19 2.45
N ASP B 249 18.31 -22.03 2.96
CA ASP B 249 17.06 -21.90 3.71
C ASP B 249 15.87 -22.10 2.78
N ILE B 250 14.93 -22.93 3.19
CA ILE B 250 13.70 -23.14 2.42
C ILE B 250 12.68 -22.10 2.86
N ASN B 251 12.19 -21.30 1.90
CA ASN B 251 11.30 -20.20 2.21
C ASN B 251 9.84 -20.48 1.90
N ALA B 252 9.56 -21.33 0.91
CA ALA B 252 8.19 -21.58 0.48
C ALA B 252 7.99 -23.07 0.25
N ILE B 253 6.74 -23.51 0.35
CA ILE B 253 6.38 -24.90 0.16
C ILE B 253 4.92 -24.97 -0.25
N CYS B 254 4.57 -25.98 -1.05
CA CYS B 254 3.21 -26.19 -1.51
C CYS B 254 3.05 -27.66 -1.90
N PHE B 255 1.81 -28.14 -1.90
CA PHE B 255 1.48 -29.49 -2.35
C PHE B 255 1.09 -29.50 -3.81
N PHE B 256 1.38 -30.60 -4.48
CA PHE B 256 0.75 -30.91 -5.75
C PHE B 256 -0.76 -31.06 -5.53
N PRO B 257 -1.58 -30.68 -6.50
CA PRO B 257 -3.04 -30.83 -6.31
C PRO B 257 -3.46 -32.27 -6.03
N ASN B 258 -2.72 -33.26 -6.56
CA ASN B 258 -3.03 -34.65 -6.26
C ASN B 258 -2.83 -34.97 -4.78
N GLY B 259 -1.93 -34.25 -4.11
CA GLY B 259 -1.63 -34.51 -2.72
C GLY B 259 -0.59 -35.59 -2.48
N ASN B 260 0.04 -36.11 -3.53
CA ASN B 260 1.07 -37.14 -3.39
C ASN B 260 2.47 -36.60 -3.69
N ALA B 261 2.61 -35.31 -3.90
CA ALA B 261 3.90 -34.70 -4.18
C ALA B 261 3.84 -33.25 -3.74
N PHE B 262 5.02 -32.64 -3.60
CA PHE B 262 5.08 -31.25 -3.18
C PHE B 262 6.32 -30.58 -3.77
N ALA B 263 6.33 -29.25 -3.70
CA ALA B 263 7.40 -28.45 -4.24
C ALA B 263 7.88 -27.43 -3.21
N THR B 264 9.18 -27.16 -3.24
CA THR B 264 9.82 -26.26 -2.30
C THR B 264 10.69 -25.25 -3.05
N GLY B 265 10.76 -24.04 -2.52
CA GLY B 265 11.66 -23.02 -3.01
C GLY B 265 12.57 -22.56 -1.89
N SER B 266 13.83 -22.29 -2.23
CA SER B 266 14.83 -21.98 -1.20
C SER B 266 15.64 -20.78 -1.65
N ASP B 267 16.70 -20.50 -0.90
CA ASP B 267 17.56 -19.35 -1.14
C ASP B 267 18.66 -19.62 -2.15
N ASP B 268 18.85 -20.86 -2.56
CA ASP B 268 19.86 -21.20 -3.56
C ASP B 268 19.32 -21.10 -4.98
N ALA B 269 18.20 -20.41 -5.18
CA ALA B 269 17.63 -20.08 -6.48
C ALA B 269 17.19 -21.32 -7.26
N THR B 270 16.81 -22.39 -6.57
CA THR B 270 16.31 -23.59 -7.23
C THR B 270 15.02 -24.04 -6.55
N CYS B 271 14.03 -24.40 -7.35
CA CYS B 271 12.85 -25.11 -6.84
C CYS B 271 13.08 -26.61 -6.94
N ARG B 272 12.45 -27.36 -6.05
CA ARG B 272 12.53 -28.81 -6.09
C ARG B 272 11.13 -29.40 -5.99
N LEU B 273 10.93 -30.52 -6.68
CA LEU B 273 9.69 -31.28 -6.63
C LEU B 273 10.01 -32.66 -6.10
N PHE B 274 9.48 -32.97 -4.92
CA PHE B 274 9.59 -34.27 -4.27
C PHE B 274 8.25 -34.99 -4.33
N ASP B 275 8.30 -36.31 -4.14
CA ASP B 275 7.10 -37.12 -4.01
C ASP B 275 7.07 -37.82 -2.65
N LEU B 276 5.87 -38.04 -2.13
CA LEU B 276 5.75 -38.69 -0.83
C LEU B 276 5.97 -40.19 -0.91
N ARG B 277 5.46 -40.83 -1.97
CA ARG B 277 5.46 -42.29 -2.01
C ARG B 277 6.85 -42.85 -2.30
N ALA B 278 7.58 -42.24 -3.24
CA ALA B 278 8.93 -42.69 -3.53
C ALA B 278 9.96 -42.15 -2.55
N ASP B 279 9.56 -41.21 -1.69
CA ASP B 279 10.39 -40.74 -0.58
C ASP B 279 11.71 -40.14 -1.06
N GLN B 280 11.67 -39.41 -2.17
CA GLN B 280 12.89 -38.74 -2.63
C GLN B 280 12.53 -37.73 -3.71
N GLU B 281 13.56 -36.97 -4.12
CA GLU B 281 13.40 -35.93 -5.11
C GLU B 281 12.96 -36.50 -6.46
N LEU B 282 12.11 -35.76 -7.16
CA LEU B 282 11.76 -36.06 -8.53
C LEU B 282 12.39 -35.11 -9.53
N MET B 283 12.37 -33.81 -9.27
CA MET B 283 12.86 -32.88 -10.27
C MET B 283 13.37 -31.60 -9.63
N THR B 284 14.22 -30.88 -10.35
CA THR B 284 14.72 -29.59 -9.93
C THR B 284 14.46 -28.56 -11.03
N TYR B 285 14.13 -27.33 -10.62
CA TYR B 285 13.84 -26.23 -11.52
C TYR B 285 14.84 -25.11 -11.22
N SER B 286 15.83 -24.94 -12.09
CA SER B 286 16.85 -23.94 -11.91
C SER B 286 17.28 -23.41 -13.27
N HIS B 287 17.82 -22.19 -13.26
CA HIS B 287 18.33 -21.56 -14.47
C HIS B 287 19.63 -20.84 -14.14
N ASP B 288 20.52 -20.80 -15.13
CA ASP B 288 21.84 -20.21 -14.91
C ASP B 288 21.75 -18.70 -14.72
N ASN B 289 20.74 -18.06 -15.33
CA ASN B 289 20.56 -16.63 -15.18
C ASN B 289 20.04 -16.26 -13.78
N ILE B 290 19.18 -17.10 -13.21
CA ILE B 290 18.54 -16.81 -11.93
C ILE B 290 19.52 -17.14 -10.80
N ILE B 291 19.80 -16.15 -9.96
CA ILE B 291 20.68 -16.34 -8.81
C ILE B 291 20.05 -15.93 -7.49
N CYS B 292 18.96 -15.16 -7.50
CA CYS B 292 18.35 -14.70 -6.26
C CYS B 292 17.47 -15.79 -5.65
N GLY B 293 17.14 -15.61 -4.37
CA GLY B 293 16.34 -16.57 -3.66
C GLY B 293 14.89 -16.56 -4.10
N ILE B 294 14.14 -17.53 -3.56
CA ILE B 294 12.75 -17.74 -3.90
C ILE B 294 11.90 -17.50 -2.66
N THR B 295 10.85 -16.70 -2.81
CA THR B 295 9.98 -16.32 -1.70
C THR B 295 8.67 -17.09 -1.67
N SER B 296 8.02 -17.27 -2.83
CA SER B 296 6.72 -17.91 -2.89
C SER B 296 6.72 -18.99 -3.97
N VAL B 297 5.91 -20.03 -3.74
CA VAL B 297 5.76 -21.15 -4.66
C VAL B 297 4.31 -21.61 -4.61
N SER B 298 3.71 -21.80 -5.79
CA SER B 298 2.38 -22.38 -5.87
C SER B 298 2.23 -23.12 -7.18
N PHE B 299 1.30 -24.06 -7.22
CA PHE B 299 1.01 -24.85 -8.40
C PHE B 299 -0.16 -24.23 -9.17
N SER B 300 -0.59 -24.91 -10.21
CA SER B 300 -1.79 -24.56 -10.97
C SER B 300 -2.92 -25.50 -10.56
N LYS B 301 -4.09 -25.29 -11.17
CA LYS B 301 -5.24 -26.14 -10.82
C LYS B 301 -5.00 -27.58 -11.21
N SER B 302 -4.41 -27.81 -12.39
CA SER B 302 -4.11 -29.16 -12.85
C SER B 302 -2.72 -29.63 -12.42
N GLY B 303 -1.87 -28.74 -11.92
CA GLY B 303 -0.53 -29.11 -11.52
C GLY B 303 0.50 -29.08 -12.63
N ARG B 304 0.13 -28.66 -13.83
CA ARG B 304 1.09 -28.63 -14.93
C ARG B 304 2.04 -27.44 -14.83
N LEU B 305 1.59 -26.33 -14.26
CA LEU B 305 2.41 -25.13 -14.13
C LEU B 305 2.87 -24.96 -12.69
N LEU B 306 4.00 -24.29 -12.52
CA LEU B 306 4.56 -23.99 -11.22
C LEU B 306 4.91 -22.51 -11.17
N LEU B 307 4.21 -21.76 -10.32
CA LEU B 307 4.45 -20.34 -10.14
C LEU B 307 5.47 -20.15 -9.02
N ALA B 308 6.49 -19.33 -9.28
CA ALA B 308 7.52 -19.08 -8.29
C ALA B 308 7.87 -17.60 -8.26
N GLY B 309 7.86 -17.02 -7.07
CA GLY B 309 8.24 -15.61 -6.89
C GLY B 309 9.68 -15.51 -6.45
N TYR B 310 10.40 -14.56 -7.05
CA TYR B 310 11.83 -14.42 -6.84
C TYR B 310 12.14 -13.05 -6.27
N ASP B 311 13.39 -12.90 -5.79
CA ASP B 311 13.87 -11.63 -5.26
C ASP B 311 14.23 -10.63 -6.35
N ASP B 312 14.39 -11.07 -7.60
CA ASP B 312 14.76 -10.19 -8.70
C ASP B 312 13.56 -9.48 -9.31
N PHE B 313 12.49 -9.30 -8.52
CA PHE B 313 11.35 -8.42 -8.76
C PHE B 313 10.31 -8.99 -9.72
N ASN B 314 10.38 -10.26 -10.10
CA ASN B 314 9.39 -10.81 -11.00
C ASN B 314 9.10 -12.27 -10.63
N CYS B 315 8.11 -12.83 -11.32
CA CYS B 315 7.65 -14.20 -11.09
C CYS B 315 7.93 -15.04 -12.33
N ASN B 316 8.11 -16.35 -12.12
CA ASN B 316 8.41 -17.28 -13.18
C ASN B 316 7.41 -18.43 -13.19
N VAL B 317 6.96 -18.80 -14.38
CA VAL B 317 6.05 -19.92 -14.58
C VAL B 317 6.85 -21.03 -15.24
N TRP B 318 7.03 -22.13 -14.52
CA TRP B 318 7.78 -23.30 -14.98
C TRP B 318 6.82 -24.40 -15.40
N ASP B 319 7.25 -25.20 -16.37
CA ASP B 319 6.55 -26.43 -16.72
C ASP B 319 6.91 -27.49 -15.68
N ALA B 320 5.92 -27.93 -14.91
CA ALA B 320 6.19 -28.85 -13.81
C ALA B 320 6.66 -30.22 -14.28
N LEU B 321 6.41 -30.58 -15.55
CA LEU B 321 6.78 -31.89 -16.06
C LEU B 321 8.03 -31.87 -16.93
N LYS B 322 8.49 -30.70 -17.37
CA LYS B 322 9.65 -30.60 -18.24
C LYS B 322 10.75 -29.71 -17.69
N ALA B 323 10.51 -28.96 -16.62
CA ALA B 323 11.52 -28.12 -15.96
C ALA B 323 12.06 -27.05 -16.88
N ASP B 324 11.27 -26.59 -17.84
CA ASP B 324 11.65 -25.49 -18.71
C ASP B 324 10.76 -24.29 -18.43
N ARG B 325 11.37 -23.11 -18.37
CA ARG B 325 10.63 -21.89 -18.04
C ARG B 325 9.61 -21.60 -19.14
N ALA B 326 8.33 -21.59 -18.77
CA ALA B 326 7.26 -21.38 -19.72
C ALA B 326 6.78 -19.93 -19.77
N GLY B 327 7.04 -19.13 -18.75
CA GLY B 327 6.58 -17.75 -18.81
C GLY B 327 7.20 -16.90 -17.72
N VAL B 328 7.04 -15.59 -17.88
CA VAL B 328 7.53 -14.61 -16.93
C VAL B 328 6.42 -13.61 -16.63
N LEU B 329 6.22 -13.30 -15.35
CA LEU B 329 5.23 -12.33 -14.90
C LEU B 329 6.01 -11.17 -14.28
N ALA B 330 6.15 -10.08 -15.03
CA ALA B 330 6.88 -8.92 -14.58
C ALA B 330 5.94 -7.73 -14.46
N GLY B 331 6.33 -6.76 -13.62
CA GLY B 331 5.48 -5.63 -13.35
C GLY B 331 5.45 -5.20 -11.90
N HIS B 332 6.27 -5.84 -11.07
CA HIS B 332 6.43 -5.45 -9.67
C HIS B 332 7.77 -4.76 -9.51
N ASP B 333 7.78 -3.64 -8.77
CA ASP B 333 8.96 -2.82 -8.62
C ASP B 333 9.83 -3.23 -7.44
N ASN B 334 9.45 -4.25 -6.69
CA ASN B 334 10.24 -4.71 -5.55
C ASN B 334 10.05 -6.21 -5.41
N ARG B 335 10.67 -6.78 -4.36
CA ARG B 335 10.67 -8.23 -4.18
C ARG B 335 9.26 -8.77 -4.07
N VAL B 336 8.96 -9.82 -4.84
CA VAL B 336 7.66 -10.46 -4.80
C VAL B 336 7.61 -11.37 -3.59
N SER B 337 6.83 -10.97 -2.59
CA SER B 337 6.82 -11.65 -1.30
C SER B 337 5.71 -12.69 -1.15
N CYS B 338 4.55 -12.47 -1.76
CA CYS B 338 3.43 -13.39 -1.60
C CYS B 338 2.82 -13.70 -2.96
N LEU B 339 2.23 -14.90 -3.07
CA LEU B 339 1.72 -15.38 -4.34
C LEU B 339 0.71 -16.48 -4.08
N GLY B 340 -0.42 -16.42 -4.79
CA GLY B 340 -1.47 -17.40 -4.60
C GLY B 340 -2.29 -17.62 -5.86
N VAL B 341 -2.91 -18.80 -5.93
CA VAL B 341 -3.74 -19.20 -7.06
C VAL B 341 -5.12 -19.57 -6.52
N THR B 342 -6.16 -19.08 -7.19
CA THR B 342 -7.53 -19.31 -6.74
C THR B 342 -7.86 -20.80 -6.80
N ASP B 343 -8.90 -21.18 -6.05
CA ASP B 343 -9.31 -22.59 -6.02
C ASP B 343 -9.81 -23.05 -7.38
N ASP B 344 -10.55 -22.21 -8.08
CA ASP B 344 -11.02 -22.54 -9.42
C ASP B 344 -9.95 -22.32 -10.48
N GLY B 345 -8.79 -21.77 -10.10
CA GLY B 345 -7.69 -21.62 -11.03
C GLY B 345 -7.87 -20.52 -12.06
N MET B 346 -8.76 -19.58 -11.81
CA MET B 346 -9.06 -18.56 -12.81
C MET B 346 -7.98 -17.48 -12.87
N ALA B 347 -7.36 -17.16 -11.74
CA ALA B 347 -6.43 -16.04 -11.70
C ALA B 347 -5.31 -16.33 -10.72
N VAL B 348 -4.23 -15.56 -10.84
CA VAL B 348 -3.07 -15.66 -9.95
C VAL B 348 -2.83 -14.28 -9.35
N ALA B 349 -2.79 -14.19 -8.03
CA ALA B 349 -2.57 -12.91 -7.36
C ALA B 349 -1.18 -12.89 -6.75
N THR B 350 -0.41 -11.85 -7.10
CA THR B 350 0.96 -11.70 -6.61
C THR B 350 1.09 -10.36 -5.90
N GLY B 351 1.76 -10.37 -4.75
CA GLY B 351 1.99 -9.15 -4.00
C GLY B 351 3.45 -9.02 -3.63
N SER B 352 3.94 -7.79 -3.69
CA SER B 352 5.36 -7.52 -3.53
C SER B 352 5.56 -6.44 -2.46
N TRP B 353 6.83 -6.07 -2.27
CA TRP B 353 7.21 -5.10 -1.26
C TRP B 353 6.94 -3.66 -1.68
N ASP B 354 6.49 -3.43 -2.91
CA ASP B 354 6.10 -2.10 -3.37
C ASP B 354 4.67 -1.74 -2.98
N SER B 355 4.03 -2.57 -2.15
CA SER B 355 2.71 -2.30 -1.59
C SER B 355 1.61 -2.35 -2.65
N PHE B 356 1.68 -3.32 -3.55
CA PHE B 356 0.64 -3.53 -4.55
C PHE B 356 0.39 -5.02 -4.71
N LEU B 357 -0.87 -5.38 -4.95
CA LEU B 357 -1.25 -6.72 -5.37
C LEU B 357 -1.75 -6.65 -6.80
N LYS B 358 -1.40 -7.65 -7.60
CA LYS B 358 -1.80 -7.72 -8.99
C LYS B 358 -2.46 -9.05 -9.27
N ILE B 359 -3.62 -8.99 -9.93
CA ILE B 359 -4.34 -10.18 -10.39
C ILE B 359 -3.94 -10.41 -11.84
N TRP B 360 -3.55 -11.64 -12.16
CA TRP B 360 -3.11 -12.00 -13.50
C TRP B 360 -4.02 -13.08 -14.04
N ASN B 361 -4.25 -13.03 -15.35
CA ASN B 361 -5.11 -14.00 -16.00
C ASN B 361 -4.68 -14.24 -17.45
N ILE C 9 22.39 -37.96 25.94
CA ILE C 9 22.17 -39.35 25.54
C ILE C 9 20.72 -39.55 25.14
N ALA C 10 19.85 -38.63 25.55
CA ALA C 10 18.45 -38.70 25.15
C ALA C 10 18.26 -38.30 23.69
N GLN C 11 18.96 -37.25 23.26
CA GLN C 11 18.79 -36.78 21.89
C GLN C 11 19.24 -37.83 20.88
N ALA C 12 20.34 -38.54 21.17
CA ALA C 12 20.83 -39.56 20.25
C ALA C 12 19.84 -40.72 20.15
N ARG C 13 19.29 -41.16 21.28
CA ARG C 13 18.32 -42.25 21.25
C ARG C 13 17.05 -41.84 20.51
N LYS C 14 16.58 -40.61 20.74
CA LYS C 14 15.40 -40.14 20.02
C LYS C 14 15.66 -40.06 18.52
N LEU C 15 16.84 -39.56 18.13
CA LEU C 15 17.18 -39.49 16.72
C LEU C 15 17.25 -40.88 16.09
N VAL C 16 17.84 -41.84 16.79
CA VAL C 16 17.93 -43.19 16.26
C VAL C 16 16.54 -43.81 16.10
N GLU C 17 15.67 -43.59 17.08
CA GLU C 17 14.30 -44.09 16.97
C GLU C 17 13.58 -43.46 15.80
N GLN C 18 13.78 -42.16 15.59
CA GLN C 18 13.16 -41.48 14.45
C GLN C 18 13.67 -42.05 13.13
N LEU C 19 14.97 -42.32 13.03
CA LEU C 19 15.51 -42.94 11.82
C LEU C 19 14.91 -44.33 11.60
N LYS C 20 14.71 -45.10 12.68
CA LYS C 20 14.06 -46.40 12.54
C LYS C 20 12.65 -46.24 11.96
N MET C 21 11.85 -45.36 12.57
CA MET C 21 10.48 -45.19 12.12
C MET C 21 10.41 -44.63 10.71
N GLU C 22 11.43 -43.86 10.30
CA GLU C 22 11.46 -43.35 8.93
C GLU C 22 11.89 -44.43 7.94
N ALA C 23 12.75 -45.35 8.36
CA ALA C 23 13.24 -46.39 7.47
C ALA C 23 12.25 -47.52 7.29
N ASN C 24 11.37 -47.76 8.27
CA ASN C 24 10.52 -48.95 8.20
C ASN C 24 9.45 -48.87 7.11
N ILE C 25 9.24 -47.71 6.48
CA ILE C 25 8.13 -47.57 5.54
C ILE C 25 8.49 -48.21 4.20
N ASP C 26 7.48 -48.36 3.34
CA ASP C 26 7.62 -48.96 2.03
C ASP C 26 7.62 -47.87 0.95
N ARG C 27 8.33 -48.14 -0.13
CA ARG C 27 8.54 -47.16 -1.20
C ARG C 27 8.05 -47.71 -2.53
N ILE C 28 7.99 -46.81 -3.52
CA ILE C 28 7.47 -47.11 -4.84
C ILE C 28 8.48 -46.61 -5.87
N LYS C 29 8.64 -47.35 -6.96
CA LYS C 29 9.57 -46.98 -8.02
C LYS C 29 9.30 -45.56 -8.52
N VAL C 30 10.36 -44.88 -8.94
CA VAL C 30 10.23 -43.50 -9.40
C VAL C 30 9.41 -43.43 -10.69
N SER C 31 9.57 -44.44 -11.55
CA SER C 31 8.81 -44.43 -12.80
C SER C 31 7.32 -44.46 -12.55
N LYS C 32 6.88 -45.23 -11.56
CA LYS C 32 5.45 -45.29 -11.24
C LYS C 32 4.92 -43.95 -10.75
N ALA C 33 5.67 -43.27 -9.88
CA ALA C 33 5.25 -41.96 -9.40
C ALA C 33 5.23 -40.94 -10.53
N ALA C 34 6.22 -41.00 -11.41
CA ALA C 34 6.25 -40.12 -12.57
C ALA C 34 5.05 -40.35 -13.48
N ALA C 35 4.70 -41.62 -13.70
CA ALA C 35 3.54 -41.94 -14.52
C ALA C 35 2.25 -41.44 -13.86
N ASP C 36 2.15 -41.58 -12.54
CA ASP C 36 0.96 -41.09 -11.84
C ASP C 36 0.83 -39.58 -11.94
N LEU C 37 1.93 -38.85 -11.76
CA LEU C 37 1.89 -37.41 -11.91
C LEU C 37 1.52 -37.00 -13.34
N MET C 38 2.09 -37.69 -14.33
CA MET C 38 1.78 -37.41 -15.71
C MET C 38 0.30 -37.66 -16.01
N ALA C 39 -0.24 -38.77 -15.49
CA ALA C 39 -1.64 -39.08 -15.71
C ALA C 39 -2.55 -38.05 -15.05
N TYR C 40 -2.22 -37.62 -13.84
CA TYR C 40 -3.05 -36.61 -13.19
C TYR C 40 -3.01 -35.29 -13.93
N CYS C 41 -1.83 -34.89 -14.43
CA CYS C 41 -1.75 -33.66 -15.20
C CYS C 41 -2.52 -33.77 -16.51
N GLU C 42 -2.51 -34.96 -17.12
CA GLU C 42 -3.20 -35.15 -18.38
C GLU C 42 -4.72 -35.13 -18.19
N ALA C 43 -5.22 -35.79 -17.13
CA ALA C 43 -6.66 -35.93 -16.96
C ALA C 43 -7.33 -34.58 -16.70
N HIS C 44 -6.69 -33.71 -15.92
CA HIS C 44 -7.28 -32.44 -15.53
C HIS C 44 -6.76 -31.26 -16.37
N ALA C 45 -6.20 -31.54 -17.55
CA ALA C 45 -5.68 -30.46 -18.37
C ALA C 45 -6.78 -29.56 -18.90
N LYS C 46 -7.97 -30.12 -19.16
CA LYS C 46 -9.05 -29.33 -19.74
C LYS C 46 -9.64 -28.34 -18.75
N GLU C 47 -9.41 -28.56 -17.46
CA GLU C 47 -10.01 -27.74 -16.40
C GLU C 47 -9.03 -26.73 -15.82
N ASP C 48 -8.04 -26.31 -16.61
CA ASP C 48 -7.01 -25.38 -16.14
C ASP C 48 -7.10 -24.07 -16.90
N PRO C 49 -7.78 -23.06 -16.37
CA PRO C 49 -7.87 -21.78 -17.08
C PRO C 49 -6.52 -21.09 -17.27
N LEU C 50 -5.52 -21.43 -16.46
CA LEU C 50 -4.19 -20.85 -16.65
C LEU C 50 -3.44 -21.54 -17.78
N LEU C 51 -3.65 -22.84 -17.97
CA LEU C 51 -3.01 -23.56 -19.06
C LEU C 51 -3.70 -23.29 -20.38
N THR C 52 -5.02 -23.50 -20.43
CA THR C 52 -5.81 -23.25 -21.63
C THR C 52 -6.78 -22.11 -21.33
N PRO C 53 -6.47 -20.87 -21.70
CA PRO C 53 -7.34 -19.75 -21.36
C PRO C 53 -8.75 -19.91 -21.93
N VAL C 54 -9.73 -19.47 -21.15
CA VAL C 54 -11.14 -19.53 -21.54
C VAL C 54 -11.49 -18.23 -22.26
N PRO C 55 -12.52 -18.21 -23.10
CA PRO C 55 -12.92 -16.96 -23.76
C PRO C 55 -13.42 -15.95 -22.74
N ALA C 56 -13.45 -14.69 -23.18
CA ALA C 56 -13.82 -13.58 -22.31
C ALA C 56 -15.26 -13.61 -21.86
N SER C 57 -16.10 -14.46 -22.47
CA SER C 57 -17.51 -14.49 -22.09
C SER C 57 -17.70 -15.00 -20.66
N GLU C 58 -16.92 -16.01 -20.25
CA GLU C 58 -17.01 -16.56 -18.91
C GLU C 58 -15.74 -16.27 -18.09
N ASN C 59 -15.07 -15.17 -18.38
CA ASN C 59 -13.91 -14.76 -17.61
C ASN C 59 -14.34 -13.73 -16.58
N PRO C 60 -14.31 -14.05 -15.28
CA PRO C 60 -14.76 -13.06 -14.28
C PRO C 60 -13.92 -11.80 -14.27
N PHE C 61 -12.65 -11.88 -14.63
CA PHE C 61 -11.78 -10.71 -14.73
C PHE C 61 -11.69 -10.32 -16.20
N ARG C 62 -12.36 -9.22 -16.56
CA ARG C 62 -12.48 -8.79 -17.95
C ARG C 62 -13.08 -9.88 -18.83
N PRO D 180 15.26 56.65 -41.40
CA PRO D 180 16.61 57.00 -40.95
C PRO D 180 17.37 55.80 -40.38
N CYS D 181 18.15 55.12 -41.22
CA CYS D 181 18.88 53.91 -40.84
C CYS D 181 17.90 52.90 -40.25
N PRO D 182 17.02 52.31 -41.07
CA PRO D 182 15.94 51.47 -40.51
C PRO D 182 16.43 50.13 -39.98
N GLN D 183 17.37 50.18 -39.02
CA GLN D 183 17.82 48.99 -38.30
C GLN D 183 18.33 47.90 -39.26
N ASP D 184 19.04 48.33 -40.31
CA ASP D 184 19.49 47.39 -41.33
C ASP D 184 20.47 46.37 -40.76
N PHE D 185 21.49 46.85 -40.05
CA PHE D 185 22.49 45.94 -39.49
C PHE D 185 21.87 45.00 -38.46
N SER D 186 21.00 45.53 -37.59
CA SER D 186 20.34 44.69 -36.60
C SER D 186 19.46 43.65 -37.28
N LEU D 187 18.74 44.02 -38.33
CA LEU D 187 17.90 43.07 -39.03
C LEU D 187 18.73 41.97 -39.69
N ASN D 188 19.86 42.35 -40.31
CA ASN D 188 20.73 41.34 -40.91
C ASN D 188 21.29 40.40 -39.85
N PHE D 189 21.70 40.95 -38.70
CA PHE D 189 22.19 40.12 -37.60
C PHE D 189 21.13 39.15 -37.13
N ASP D 190 19.89 39.64 -36.97
CA ASP D 190 18.81 38.79 -36.52
C ASP D 190 18.55 37.67 -37.53
N ARG D 191 18.51 38.02 -38.82
CA ARG D 191 18.24 37.02 -39.85
C ARG D 191 19.33 35.95 -39.87
N ALA D 192 20.59 36.35 -39.75
CA ALA D 192 21.69 35.41 -39.82
C ALA D 192 21.95 34.66 -38.52
N PHE D 193 21.35 35.09 -37.41
CA PHE D 193 21.63 34.50 -36.11
C PHE D 193 20.49 33.69 -35.51
N LEU D 194 19.26 34.23 -35.54
CA LEU D 194 18.17 33.67 -34.74
C LEU D 194 17.81 32.23 -35.10
N PRO D 195 17.58 31.86 -36.37
CA PRO D 195 17.04 30.52 -36.63
C PRO D 195 17.90 29.38 -36.12
N ALA D 196 19.23 29.47 -36.28
CA ALA D 196 20.10 28.39 -35.85
C ALA D 196 20.05 28.21 -34.34
N LEU D 197 20.20 29.32 -33.61
CA LEU D 197 20.17 29.25 -32.15
C LEU D 197 18.83 28.73 -31.65
N TYR D 198 17.73 29.22 -32.22
CA TYR D 198 16.42 28.78 -31.76
C TYR D 198 16.16 27.32 -32.11
N SER D 199 16.64 26.85 -33.26
CA SER D 199 16.51 25.42 -33.58
C SER D 199 17.30 24.56 -32.60
N LEU D 200 18.53 24.96 -32.28
CA LEU D 200 19.33 24.20 -31.33
C LEU D 200 18.68 24.18 -29.95
N LEU D 201 18.18 25.33 -29.50
CA LEU D 201 17.49 25.40 -28.22
C LEU D 201 16.24 24.55 -28.22
N PHE D 202 15.48 24.56 -29.32
CA PHE D 202 14.32 23.71 -29.45
C PHE D 202 14.70 22.25 -29.26
N LEU D 203 15.70 21.78 -30.00
CA LEU D 203 16.08 20.38 -29.92
C LEU D 203 16.53 20.01 -28.52
N LEU D 204 17.45 20.79 -27.95
CA LEU D 204 17.99 20.45 -26.63
C LEU D 204 16.92 20.53 -25.55
N GLY D 205 16.08 21.56 -25.59
CA GLY D 205 15.04 21.69 -24.58
C GLY D 205 14.03 20.56 -24.65
N LEU D 206 13.54 20.24 -25.84
CA LEU D 206 12.68 19.07 -25.98
C LEU D 206 13.34 17.83 -25.40
N LEU D 207 14.57 17.53 -25.82
CA LEU D 207 15.20 16.29 -25.38
C LEU D 207 15.31 16.24 -23.86
N GLY D 208 15.92 17.27 -23.25
CA GLY D 208 16.16 17.22 -21.81
C GLY D 208 14.89 17.27 -21.00
N ASN D 209 14.02 18.25 -21.28
CA ASN D 209 12.82 18.41 -20.47
C ASN D 209 11.84 17.27 -20.68
N GLY D 210 11.74 16.73 -21.90
CA GLY D 210 10.92 15.56 -22.10
C GLY D 210 11.46 14.34 -21.38
N ALA D 211 12.79 14.20 -21.33
CA ALA D 211 13.36 13.12 -20.54
C ALA D 211 13.00 13.26 -19.06
N VAL D 212 13.10 14.47 -18.54
CA VAL D 212 12.77 14.70 -17.13
C VAL D 212 11.29 14.41 -16.87
N ALA D 213 10.42 14.90 -17.76
CA ALA D 213 8.99 14.68 -17.61
C ALA D 213 8.63 13.20 -17.71
N ALA D 214 9.29 12.47 -18.61
CA ALA D 214 9.03 11.04 -18.74
C ALA D 214 9.50 10.29 -17.50
N VAL D 215 10.66 10.64 -16.97
CA VAL D 215 11.16 9.95 -15.78
C VAL D 215 10.24 10.20 -14.59
N LEU D 216 9.83 11.45 -14.39
CA LEU D 216 8.98 11.76 -13.24
C LEU D 216 7.53 11.34 -13.44
N LEU D 217 7.10 11.14 -14.69
CA LEU D 217 5.71 10.81 -14.97
C LEU D 217 5.43 9.32 -14.96
N SER D 218 6.47 8.47 -14.87
CA SER D 218 6.24 7.03 -14.82
C SER D 218 5.56 6.63 -13.53
N ARG D 219 6.00 7.18 -12.40
CA ARG D 219 5.48 6.83 -11.07
C ARG D 219 5.24 8.14 -10.31
N ARG D 220 3.98 8.55 -10.24
CA ARG D 220 3.60 9.77 -9.53
C ARG D 220 3.34 9.53 -8.05
N THR D 221 3.31 8.28 -7.61
CA THR D 221 2.97 7.97 -6.22
C THR D 221 4.08 8.38 -5.25
N ALA D 222 5.34 8.25 -5.66
CA ALA D 222 6.48 8.54 -4.80
C ALA D 222 7.13 9.87 -5.16
N LEU D 223 6.33 10.86 -5.55
CA LEU D 223 6.84 12.18 -5.88
C LEU D 223 6.88 13.05 -4.65
N SER D 224 8.06 13.59 -4.34
CA SER D 224 8.19 14.53 -3.24
C SER D 224 7.72 15.91 -3.68
N SER D 225 7.93 16.90 -2.81
CA SER D 225 7.53 18.27 -3.14
C SER D 225 8.37 18.82 -4.28
N THR D 226 9.70 18.78 -4.12
CA THR D 226 10.59 19.29 -5.15
C THR D 226 10.46 18.50 -6.45
N ASP D 227 10.10 17.21 -6.36
CA ASP D 227 9.89 16.44 -7.58
C ASP D 227 8.67 16.93 -8.35
N THR D 228 7.57 17.23 -7.66
CA THR D 228 6.40 17.77 -8.33
C THR D 228 6.70 19.14 -8.92
N PHE D 229 7.40 19.98 -8.17
CA PHE D 229 7.76 21.30 -8.69
C PHE D 229 8.65 21.17 -9.92
N LEU D 230 9.57 20.20 -9.90
CA LEU D 230 10.44 19.96 -11.05
C LEU D 230 9.65 19.46 -12.25
N LEU D 231 8.63 18.63 -12.02
CA LEU D 231 7.78 18.19 -13.13
C LEU D 231 7.06 19.37 -13.76
N HIS D 232 6.52 20.25 -12.92
CA HIS D 232 5.86 21.45 -13.45
C HIS D 232 6.84 22.31 -14.24
N LEU D 233 8.06 22.48 -13.72
CA LEU D 233 9.07 23.28 -14.40
C LEU D 233 9.45 22.67 -15.74
N ALA D 234 9.57 21.34 -15.78
CA ALA D 234 9.87 20.65 -17.03
C ALA D 234 8.77 20.86 -18.05
N VAL D 235 7.51 20.77 -17.61
CA VAL D 235 6.39 21.02 -18.53
C VAL D 235 6.46 22.44 -19.08
N ALA D 236 6.70 23.41 -18.20
CA ALA D 236 6.74 24.80 -18.64
C ALA D 236 7.87 25.04 -19.64
N ASP D 237 9.07 24.51 -19.35
CA ASP D 237 10.19 24.69 -20.27
C ASP D 237 9.93 24.00 -21.60
N THR D 238 9.33 22.81 -21.57
CA THR D 238 8.99 22.10 -22.80
C THR D 238 8.05 22.94 -23.66
N LEU D 239 7.00 23.49 -23.04
CA LEU D 239 6.05 24.29 -23.81
C LEU D 239 6.71 25.55 -24.37
N LEU D 240 7.60 26.17 -23.59
CA LEU D 240 8.27 27.38 -24.08
C LEU D 240 9.14 27.06 -25.29
N VAL D 241 9.92 25.98 -25.22
CA VAL D 241 10.79 25.67 -26.35
C VAL D 241 9.98 25.18 -27.55
N LEU D 242 8.81 24.60 -27.33
CA LEU D 242 7.90 24.34 -28.45
C LEU D 242 7.42 25.64 -29.08
N THR D 243 7.11 26.65 -28.26
CA THR D 243 6.66 27.92 -28.82
C THR D 243 7.77 28.63 -29.59
N LEU D 244 9.03 28.39 -29.22
CA LEU D 244 10.15 29.14 -29.79
C LEU D 244 10.24 29.16 -31.31
N PRO D 245 10.09 28.04 -32.05
CA PRO D 245 10.30 28.11 -33.51
C PRO D 245 9.36 29.04 -34.24
N LEU D 246 8.15 29.27 -33.74
CA LEU D 246 7.25 30.22 -34.38
C LEU D 246 7.86 31.63 -34.38
N TRP D 247 8.42 32.04 -33.24
CA TRP D 247 9.10 33.34 -33.21
C TRP D 247 10.41 33.29 -33.98
N ALA D 248 11.04 32.12 -34.07
CA ALA D 248 12.23 31.99 -34.92
C ALA D 248 11.89 32.34 -36.37
N VAL D 249 10.82 31.75 -36.91
CA VAL D 249 10.44 32.05 -38.28
C VAL D 249 9.83 33.44 -38.40
N ASP D 250 9.24 33.98 -37.33
CA ASP D 250 8.83 35.38 -37.32
C ASP D 250 10.03 36.29 -37.57
N ALA D 251 11.12 36.06 -36.84
CA ALA D 251 12.34 36.85 -36.99
C ALA D 251 13.07 36.55 -38.30
N ALA D 252 12.89 35.35 -38.86
CA ALA D 252 13.62 34.96 -40.06
C ALA D 252 13.30 35.85 -41.25
N VAL D 253 12.06 35.81 -41.74
CA VAL D 253 11.69 36.66 -42.87
C VAL D 253 10.52 37.58 -42.53
N GLN D 254 9.36 37.01 -42.18
CA GLN D 254 8.20 37.79 -41.75
C GLN D 254 7.12 36.82 -41.32
N TRP D 255 6.29 37.24 -40.37
CA TRP D 255 5.30 36.36 -39.77
C TRP D 255 4.17 36.10 -40.75
N VAL D 256 4.07 34.84 -41.22
CA VAL D 256 3.10 34.47 -42.24
C VAL D 256 1.83 33.87 -41.65
N PHE D 257 1.81 33.54 -40.37
CA PHE D 257 0.73 32.76 -39.80
C PHE D 257 -0.51 33.64 -39.57
N GLY D 258 -1.51 33.05 -38.95
CA GLY D 258 -2.74 33.79 -38.70
C GLY D 258 -2.57 34.86 -37.64
N SER D 259 -3.27 35.98 -37.84
CA SER D 259 -3.21 37.08 -36.88
C SER D 259 -3.78 36.68 -35.51
N GLY D 260 -4.54 35.61 -35.45
CA GLY D 260 -5.04 35.13 -34.17
C GLY D 260 -4.19 34.03 -33.58
N LEU D 261 -3.27 33.49 -34.39
CA LEU D 261 -2.42 32.40 -33.90
C LEU D 261 -1.41 32.90 -32.88
N CYS D 262 -0.79 34.05 -33.13
CA CYS D 262 0.18 34.51 -32.14
C CYS D 262 -0.50 35.16 -30.94
N LYS D 263 -1.80 35.47 -31.03
CA LYS D 263 -2.52 35.91 -29.84
C LYS D 263 -2.65 34.80 -28.81
N VAL D 264 -2.41 33.55 -29.19
CA VAL D 264 -2.27 32.48 -28.22
C VAL D 264 -0.81 32.01 -28.09
N ALA D 265 0.00 32.16 -29.15
CA ALA D 265 1.42 31.82 -29.04
C ALA D 265 2.12 32.69 -28.01
N GLY D 266 1.94 34.02 -28.10
CA GLY D 266 2.56 34.91 -27.13
C GLY D 266 2.01 34.70 -25.73
N ALA D 267 0.72 34.40 -25.62
CA ALA D 267 0.15 34.12 -24.30
C ALA D 267 0.78 32.88 -23.69
N LEU D 268 0.95 31.83 -24.48
CA LEU D 268 1.63 30.63 -24.00
C LEU D 268 3.06 30.94 -23.61
N PHE D 269 3.75 31.75 -24.41
CA PHE D 269 5.13 32.13 -24.12
C PHE D 269 5.23 32.83 -22.76
N ASN D 270 4.36 33.82 -22.53
CA ASN D 270 4.41 34.57 -21.29
C ASN D 270 4.02 33.70 -20.10
N ILE D 271 3.00 32.84 -20.28
CA ILE D 271 2.60 31.91 -19.23
C ILE D 271 3.79 31.06 -18.83
N ASN D 272 4.51 30.52 -19.82
CA ASN D 272 5.64 29.64 -19.54
C ASN D 272 6.78 30.40 -18.88
N PHE D 273 7.03 31.64 -19.29
CA PHE D 273 8.10 32.44 -18.70
C PHE D 273 7.82 32.69 -17.22
N TYR D 274 6.63 33.19 -16.91
CA TYR D 274 6.28 33.45 -15.51
C TYR D 274 6.24 32.15 -14.71
N ALA D 275 5.76 31.07 -15.32
CA ALA D 275 5.72 29.79 -14.61
C ALA D 275 7.11 29.30 -14.27
N GLY D 276 8.05 29.43 -15.21
CA GLY D 276 9.42 29.03 -14.92
C GLY D 276 10.02 29.82 -13.78
N ALA D 277 9.85 31.15 -13.82
CA ALA D 277 10.41 31.98 -12.75
C ALA D 277 9.80 31.63 -11.39
N LEU D 278 8.46 31.56 -11.35
CA LEU D 278 7.79 31.32 -10.07
C LEU D 278 8.04 29.91 -9.56
N LEU D 279 8.19 28.92 -10.46
CA LEU D 279 8.48 27.58 -10.00
C LEU D 279 9.92 27.44 -9.53
N LEU D 280 10.84 28.21 -10.09
CA LEU D 280 12.18 28.28 -9.51
C LEU D 280 12.13 28.82 -8.10
N ALA D 281 11.38 29.91 -7.90
CA ALA D 281 11.24 30.47 -6.56
C ALA D 281 10.59 29.46 -5.61
N CYS D 282 9.60 28.71 -6.10
CA CYS D 282 8.90 27.74 -5.26
C CYS D 282 9.80 26.56 -4.90
N ILE D 283 10.62 26.10 -5.84
CA ILE D 283 11.60 25.06 -5.52
C ILE D 283 12.55 25.54 -4.44
N SER D 284 13.03 26.78 -4.56
CA SER D 284 13.93 27.32 -3.54
C SER D 284 13.24 27.38 -2.18
N PHE D 285 11.99 27.83 -2.14
CA PHE D 285 11.28 27.93 -0.87
C PHE D 285 11.04 26.55 -0.25
N ASP D 286 10.67 25.57 -1.08
CA ASP D 286 10.46 24.22 -0.57
C ASP D 286 11.76 23.64 -0.01
N ARG D 287 12.88 23.87 -0.70
CA ARG D 287 14.16 23.43 -0.18
C ARG D 287 14.50 24.10 1.13
N TYR D 288 14.18 25.40 1.25
CA TYR D 288 14.37 26.10 2.52
C TYR D 288 13.55 25.46 3.63
N LEU D 289 12.29 25.12 3.33
CA LEU D 289 11.44 24.51 4.34
C LEU D 289 11.97 23.14 4.78
N ASN D 290 12.45 22.34 3.82
CA ASN D 290 12.85 20.97 4.14
C ASN D 290 14.11 20.91 4.99
N ILE D 291 14.95 21.93 4.94
CA ILE D 291 16.28 21.90 5.56
C ILE D 291 16.33 22.77 6.82
N VAL D 292 15.85 24.02 6.73
CA VAL D 292 15.91 24.89 7.89
C VAL D 292 14.87 24.49 8.91
N HIS D 293 13.61 24.40 8.51
CA HIS D 293 12.54 23.91 9.36
C HIS D 293 12.30 22.42 9.17
N ALA D 294 13.37 21.62 9.30
CA ALA D 294 13.27 20.20 9.01
C ALA D 294 12.38 19.48 10.02
N THR D 295 12.63 19.70 11.31
CA THR D 295 11.85 19.01 12.34
C THR D 295 10.42 19.54 12.39
N GLN D 296 10.26 20.86 12.35
CA GLN D 296 8.94 21.47 12.46
C GLN D 296 8.05 21.08 11.29
N LEU D 297 8.61 21.02 10.07
CA LEU D 297 7.83 20.58 8.92
C LEU D 297 7.64 19.08 8.91
N TYR D 298 8.62 18.32 9.42
CA TYR D 298 8.47 16.88 9.51
C TYR D 298 7.31 16.50 10.41
N ARG D 299 7.19 17.17 11.56
CA ARG D 299 6.20 16.78 12.55
C ARG D 299 4.78 17.18 12.15
N ARG D 300 4.58 18.38 11.63
CA ARG D 300 3.24 18.87 11.33
C ARG D 300 3.19 19.61 10.01
N GLY D 301 3.81 19.03 8.98
CA GLY D 301 3.78 19.61 7.66
C GLY D 301 2.49 19.31 6.92
N PRO D 302 1.93 20.32 6.27
CA PRO D 302 0.66 20.12 5.53
C PRO D 302 0.83 19.11 4.42
N PRO D 303 -0.20 18.31 4.15
CA PRO D 303 -0.09 17.25 3.14
C PRO D 303 -0.59 17.60 1.75
N ALA D 304 -0.96 18.87 1.49
CA ALA D 304 -1.48 19.23 0.18
C ALA D 304 -0.98 20.59 -0.31
N ARG D 305 -0.01 21.19 0.37
CA ARG D 305 0.44 22.53 -0.01
C ARG D 305 1.15 22.57 -1.36
N VAL D 306 1.67 21.43 -1.83
CA VAL D 306 2.36 21.42 -3.12
C VAL D 306 1.39 21.72 -4.26
N THR D 307 0.25 21.03 -4.27
CA THR D 307 -0.74 21.24 -5.32
C THR D 307 -1.33 22.64 -5.24
N LEU D 308 -1.60 23.13 -4.03
CA LEU D 308 -2.11 24.49 -3.88
C LEU D 308 -1.11 25.50 -4.41
N THR D 309 0.17 25.32 -4.10
CA THR D 309 1.18 26.25 -4.59
C THR D 309 1.29 26.21 -6.11
N CYS D 310 1.27 25.01 -6.70
CA CYS D 310 1.36 24.91 -8.15
C CYS D 310 0.17 25.55 -8.83
N LEU D 311 -1.04 25.33 -8.31
CA LEU D 311 -2.21 25.93 -8.92
C LEU D 311 -2.23 27.44 -8.74
N ALA D 312 -1.77 27.93 -7.60
CA ALA D 312 -1.66 29.38 -7.42
C ALA D 312 -0.66 29.98 -8.41
N VAL D 313 0.46 29.30 -8.62
CA VAL D 313 1.44 29.79 -9.58
C VAL D 313 0.85 29.86 -10.98
N TRP D 314 0.15 28.80 -11.39
CA TRP D 314 -0.42 28.79 -12.74
C TRP D 314 -1.51 29.85 -12.89
N GLY D 315 -2.33 30.05 -11.86
CA GLY D 315 -3.34 31.09 -11.92
C GLY D 315 -2.73 32.48 -12.01
N LEU D 316 -1.68 32.73 -11.23
CA LEU D 316 -0.98 34.01 -11.32
C LEU D 316 -0.39 34.20 -12.71
N CYS D 317 0.17 33.15 -13.30
CA CYS D 317 0.73 33.25 -14.64
C CYS D 317 -0.35 33.61 -15.66
N LEU D 318 -1.53 32.98 -15.56
CA LEU D 318 -2.64 33.35 -16.43
C LEU D 318 -3.04 34.81 -16.25
N LEU D 319 -3.09 35.26 -14.98
CA LEU D 319 -3.46 36.64 -14.71
C LEU D 319 -2.45 37.61 -15.32
N PHE D 320 -1.16 37.30 -15.23
CA PHE D 320 -0.15 38.16 -15.84
C PHE D 320 -0.21 38.11 -17.36
N ALA D 321 -0.55 36.95 -17.93
CA ALA D 321 -0.56 36.81 -19.38
C ALA D 321 -1.79 37.41 -20.02
N LEU D 322 -2.85 37.67 -19.25
CA LEU D 322 -4.05 38.27 -19.82
C LEU D 322 -3.78 39.56 -20.62
N PRO D 323 -2.95 40.52 -20.15
CA PRO D 323 -2.65 41.70 -20.99
C PRO D 323 -2.08 41.31 -22.35
N ASP D 324 -1.13 40.37 -22.36
CA ASP D 324 -0.62 39.87 -23.63
C ASP D 324 -1.69 39.12 -24.39
N PHE D 325 -2.67 38.56 -23.68
CA PHE D 325 -3.71 37.77 -24.32
C PHE D 325 -4.72 38.64 -25.06
N ILE D 326 -4.90 39.89 -24.61
CA ILE D 326 -5.93 40.76 -25.18
C ILE D 326 -5.36 42.02 -25.80
N PHE D 327 -4.04 42.20 -25.82
CA PHE D 327 -3.44 43.40 -26.41
C PHE D 327 -2.39 43.08 -27.47
N LEU D 328 -2.26 41.83 -27.89
CA LEU D 328 -1.34 41.44 -28.94
C LEU D 328 -2.08 41.35 -30.26
N SER D 329 -1.44 41.82 -31.33
CA SER D 329 -2.07 41.82 -32.65
C SER D 329 -0.97 41.83 -33.70
N ALA D 330 -1.37 41.90 -34.97
CA ALA D 330 -0.45 41.84 -36.11
C ALA D 330 -0.83 42.97 -37.08
N HIS D 331 -0.12 44.09 -36.98
CA HIS D 331 -0.37 45.24 -37.84
C HIS D 331 0.72 45.33 -38.91
N HIS D 332 0.32 45.76 -40.10
CA HIS D 332 1.22 45.82 -41.25
C HIS D 332 1.57 47.28 -41.52
N ASP D 333 2.79 47.67 -41.17
CA ASP D 333 3.26 49.01 -41.48
C ASP D 333 3.65 49.12 -42.96
N GLU D 334 3.46 50.32 -43.51
CA GLU D 334 3.76 50.53 -44.92
C GLU D 334 5.26 50.42 -45.19
N ARG D 335 6.08 50.97 -44.30
CA ARG D 335 7.53 50.88 -44.46
C ARG D 335 8.00 49.46 -44.20
N LEU D 336 8.86 48.95 -45.09
CA LEU D 336 9.40 47.60 -45.00
C LEU D 336 8.27 46.57 -44.96
N ASN D 337 7.57 46.48 -46.09
CA ASN D 337 6.34 45.71 -46.18
C ASN D 337 6.51 44.29 -45.65
N ALA D 338 5.85 44.02 -44.53
CA ALA D 338 5.90 42.76 -43.81
C ALA D 338 4.96 42.86 -42.62
N THR D 339 4.75 41.77 -41.89
CA THR D 339 3.85 41.84 -40.73
C THR D 339 4.38 40.89 -39.67
N HIS D 340 5.17 41.41 -38.75
CA HIS D 340 5.46 40.75 -37.48
C HIS D 340 4.47 41.24 -36.45
N CYS D 341 4.03 40.33 -35.59
CA CYS D 341 2.97 40.66 -34.65
C CYS D 341 3.55 41.02 -33.29
N GLN D 342 3.01 42.09 -32.70
CA GLN D 342 3.50 42.58 -31.41
C GLN D 342 2.34 43.28 -30.69
N TYR D 343 2.68 44.04 -29.66
CA TYR D 343 1.70 44.73 -28.85
C TYR D 343 1.30 46.06 -29.50
N ASN D 344 0.13 46.55 -29.12
CA ASN D 344 -0.35 47.87 -29.57
C ASN D 344 -1.12 48.52 -28.42
N PHE D 345 -0.42 49.30 -27.61
CA PHE D 345 -1.01 50.11 -26.57
C PHE D 345 -0.10 51.30 -26.31
N PRO D 346 -0.58 52.34 -25.64
CA PRO D 346 0.25 53.53 -25.42
C PRO D 346 1.53 53.21 -24.68
N GLN D 347 2.54 54.05 -24.93
CA GLN D 347 3.87 53.81 -24.39
C GLN D 347 3.87 53.74 -22.87
N VAL D 348 2.89 54.37 -22.21
CA VAL D 348 2.73 54.20 -20.77
C VAL D 348 2.43 52.74 -20.46
N GLY D 349 1.57 52.11 -21.26
CA GLY D 349 1.31 50.69 -21.09
C GLY D 349 2.55 49.85 -21.35
N ARG D 350 3.37 50.25 -22.32
CA ARG D 350 4.61 49.53 -22.58
C ARG D 350 5.54 49.60 -21.37
N THR D 351 5.68 50.79 -20.79
CA THR D 351 6.51 50.95 -19.60
C THR D 351 5.95 50.12 -18.44
N ALA D 352 4.63 50.11 -18.28
CA ALA D 352 4.03 49.34 -17.19
C ALA D 352 4.27 47.85 -17.37
N LEU D 353 4.13 47.35 -18.61
CA LEU D 353 4.37 45.94 -18.86
C LEU D 353 5.84 45.60 -18.64
N ARG D 354 6.75 46.48 -19.05
CA ARG D 354 8.18 46.23 -18.83
C ARG D 354 8.50 46.20 -17.35
N VAL D 355 7.92 47.12 -16.57
CA VAL D 355 8.15 47.13 -15.13
C VAL D 355 7.60 45.87 -14.49
N LEU D 356 6.40 45.44 -14.88
CA LEU D 356 5.85 44.20 -14.35
C LEU D 356 6.77 43.03 -14.66
N GLN D 357 7.19 42.91 -15.92
CA GLN D 357 8.08 41.83 -16.33
C GLN D 357 9.35 41.82 -15.49
N LEU D 358 10.04 42.96 -15.44
CA LEU D 358 11.28 43.05 -14.67
C LEU D 358 11.03 42.68 -13.21
N VAL D 359 10.22 43.48 -12.51
CA VAL D 359 9.99 43.29 -11.09
C VAL D 359 9.64 41.84 -10.80
N ALA D 360 8.50 41.37 -11.30
CA ALA D 360 8.11 40.01 -10.96
C ALA D 360 9.18 39.02 -11.41
N GLY D 361 9.34 38.86 -12.72
CA GLY D 361 10.07 37.70 -13.24
C GLY D 361 11.51 37.63 -12.76
N PHE D 362 12.16 38.79 -12.61
CA PHE D 362 13.54 38.74 -12.14
C PHE D 362 13.62 38.88 -10.62
N LEU D 363 13.10 39.99 -10.08
CA LEU D 363 13.38 40.32 -8.69
C LEU D 363 12.74 39.33 -7.74
N LEU D 364 11.47 38.96 -7.98
CA LEU D 364 10.81 38.12 -6.98
C LEU D 364 11.47 36.75 -6.84
N PRO D 365 11.69 35.98 -7.91
CA PRO D 365 12.47 34.75 -7.76
C PRO D 365 13.88 35.01 -7.24
N LEU D 366 14.53 36.09 -7.66
CA LEU D 366 15.89 36.35 -7.21
C LEU D 366 15.94 36.59 -5.71
N LEU D 367 15.05 37.44 -5.20
CA LEU D 367 15.03 37.71 -3.76
C LEU D 367 14.67 36.46 -2.97
N VAL D 368 13.66 35.71 -3.43
CA VAL D 368 13.24 34.52 -2.69
C VAL D 368 14.36 33.50 -2.66
N MET D 369 14.99 33.24 -3.82
CA MET D 369 16.10 32.30 -3.87
C MET D 369 17.27 32.77 -3.02
N ALA D 370 17.59 34.06 -3.06
CA ALA D 370 18.70 34.56 -2.27
C ALA D 370 18.46 34.33 -0.78
N TYR D 371 17.29 34.72 -0.29
CA TYR D 371 16.99 34.56 1.13
C TYR D 371 16.99 33.09 1.53
N CYS D 372 16.24 32.26 0.81
CA CYS D 372 16.10 30.85 1.17
C CYS D 372 17.43 30.13 1.11
N TYR D 373 18.20 30.34 0.05
CA TYR D 373 19.46 29.62 -0.09
C TYR D 373 20.54 30.16 0.84
N ALA D 374 20.48 31.46 1.20
CA ALA D 374 21.38 31.96 2.22
C ALA D 374 21.11 31.28 3.56
N HIS D 375 19.84 31.11 3.91
CA HIS D 375 19.53 30.42 5.16
C HIS D 375 19.91 28.94 5.09
N ILE D 376 19.73 28.31 3.92
CA ILE D 376 20.15 26.91 3.76
C ILE D 376 21.65 26.79 3.93
N LEU D 377 22.42 27.72 3.37
CA LEU D 377 23.87 27.69 3.54
C LEU D 377 24.27 27.92 4.99
N ALA D 378 23.59 28.83 5.68
CA ALA D 378 23.89 29.06 7.08
C ALA D 378 23.62 27.81 7.91
N VAL D 379 22.55 27.07 7.58
CA VAL D 379 22.27 25.81 8.28
C VAL D 379 23.34 24.77 7.96
N LEU D 380 23.71 24.64 6.69
CA LEU D 380 24.65 23.60 6.29
C LEU D 380 26.07 23.89 6.75
N LEU D 381 26.39 25.14 7.10
CA LEU D 381 27.73 25.44 7.59
C LEU D 381 28.06 24.67 8.86
N VAL D 382 27.13 24.61 9.82
CA VAL D 382 27.44 24.04 11.12
C VAL D 382 27.37 22.52 11.15
N SER D 383 26.70 21.90 10.19
CA SER D 383 26.59 20.44 10.18
C SER D 383 27.91 19.81 9.79
N ARG D 384 28.07 18.54 10.15
CA ARG D 384 29.27 17.77 9.85
C ARG D 384 28.90 16.56 9.00
N GLY D 385 29.68 16.31 7.97
CA GLY D 385 29.44 15.15 7.12
C GLY D 385 30.01 15.38 5.74
N GLN D 386 29.83 14.36 4.90
CA GLN D 386 30.24 14.42 3.51
C GLN D 386 29.13 14.83 2.56
N ARG D 387 27.88 14.63 2.94
CA ARG D 387 26.75 15.08 2.12
C ARG D 387 26.31 16.49 2.51
N ARG D 388 27.27 17.40 2.61
CA ARG D 388 26.97 18.81 2.83
C ARG D 388 27.75 19.68 1.85
N LEU D 389 28.95 19.24 1.47
CA LEU D 389 29.76 20.02 0.53
C LEU D 389 29.13 20.01 -0.85
N ARG D 390 28.62 18.85 -1.29
CA ARG D 390 27.94 18.78 -2.57
C ARG D 390 26.68 19.65 -2.56
N ALA D 391 25.95 19.67 -1.45
CA ALA D 391 24.77 20.51 -1.35
C ALA D 391 25.13 21.99 -1.42
N MET D 392 26.19 22.39 -0.73
CA MET D 392 26.63 23.79 -0.80
C MET D 392 27.04 24.16 -2.21
N ARG D 393 27.80 23.29 -2.87
CA ARG D 393 28.21 23.55 -4.25
C ARG D 393 27.00 23.68 -5.16
N LEU D 394 26.02 22.79 -5.03
CA LEU D 394 24.84 22.85 -5.88
C LEU D 394 24.03 24.11 -5.62
N VAL D 395 23.89 24.51 -4.36
CA VAL D 395 23.15 25.73 -4.04
C VAL D 395 23.82 26.94 -4.71
N VAL D 396 25.13 27.08 -4.53
CA VAL D 396 25.83 28.22 -5.11
C VAL D 396 25.74 28.19 -6.63
N VAL D 397 25.90 27.00 -7.22
CA VAL D 397 25.83 26.86 -8.67
C VAL D 397 24.48 27.31 -9.19
N VAL D 398 23.40 26.86 -8.55
CA VAL D 398 22.06 27.21 -9.01
C VAL D 398 21.84 28.71 -8.94
N VAL D 399 22.18 29.31 -7.79
CA VAL D 399 21.93 30.74 -7.61
C VAL D 399 22.72 31.55 -8.62
N VAL D 400 24.01 31.26 -8.76
CA VAL D 400 24.85 32.05 -9.66
C VAL D 400 24.43 31.84 -11.10
N ALA D 401 24.02 30.61 -11.46
CA ALA D 401 23.60 30.35 -12.83
C ALA D 401 22.37 31.17 -13.17
N PHE D 402 21.35 31.14 -12.31
CA PHE D 402 20.16 31.93 -12.60
C PHE D 402 20.48 33.42 -12.68
N ALA D 403 21.28 33.92 -11.74
CA ALA D 403 21.59 35.34 -11.73
C ALA D 403 22.31 35.77 -13.01
N LEU D 404 23.38 35.04 -13.37
CA LEU D 404 24.16 35.46 -14.52
C LEU D 404 23.40 35.24 -15.83
N CYS D 405 22.53 34.23 -15.88
CA CYS D 405 21.78 34.01 -17.11
C CYS D 405 20.67 35.02 -17.32
N TRP D 406 20.04 35.51 -16.26
CA TRP D 406 18.88 36.37 -16.42
C TRP D 406 19.12 37.82 -16.02
N THR D 407 20.35 38.21 -15.67
CA THR D 407 20.59 39.62 -15.40
C THR D 407 20.78 40.48 -16.66
N PRO D 408 21.59 40.07 -17.64
CA PRO D 408 21.86 40.98 -18.78
C PRO D 408 20.62 41.42 -19.54
N TYR D 409 19.64 40.54 -19.72
CA TYR D 409 18.44 40.93 -20.46
C TYR D 409 17.69 42.03 -19.73
N HIS D 410 17.57 41.91 -18.41
CA HIS D 410 16.88 42.94 -17.65
C HIS D 410 17.70 44.21 -17.55
N LEU D 411 19.03 44.10 -17.64
CA LEU D 411 19.84 45.31 -17.77
C LEU D 411 19.54 46.03 -19.07
N VAL D 412 19.42 45.29 -20.17
CA VAL D 412 19.06 45.92 -21.45
C VAL D 412 17.66 46.50 -21.40
N VAL D 413 16.75 45.83 -20.69
CA VAL D 413 15.40 46.35 -20.51
C VAL D 413 15.43 47.68 -19.76
N LEU D 414 16.26 47.76 -18.70
CA LEU D 414 16.41 49.02 -17.99
C LEU D 414 16.97 50.11 -18.90
N VAL D 415 17.97 49.76 -19.72
CA VAL D 415 18.53 50.72 -20.66
C VAL D 415 17.45 51.24 -21.60
N ASP D 416 16.61 50.33 -22.12
CA ASP D 416 15.53 50.72 -23.01
C ASP D 416 14.53 51.63 -22.30
N ILE D 417 14.18 51.30 -21.06
CA ILE D 417 13.22 52.10 -20.30
C ILE D 417 13.75 53.51 -20.10
N LEU D 418 15.02 53.62 -19.71
CA LEU D 418 15.63 54.95 -19.58
C LEU D 418 15.67 55.68 -20.91
N MET D 419 16.01 54.97 -22.00
CA MET D 419 16.12 55.60 -23.31
C MET D 419 14.79 56.16 -23.77
N ASP D 420 13.70 55.43 -23.55
CA ASP D 420 12.39 55.94 -23.93
C ASP D 420 12.00 57.16 -23.11
N LEU D 421 12.46 57.24 -21.87
CA LEU D 421 12.21 58.40 -21.01
C LEU D 421 13.41 59.34 -21.04
N GLY D 422 13.66 59.88 -22.22
CA GLY D 422 14.77 60.82 -22.40
C GLY D 422 16.11 60.11 -22.57
N ALA D 423 17.15 60.94 -22.68
CA ALA D 423 18.52 60.45 -22.84
C ALA D 423 18.65 59.51 -24.04
N LEU D 424 17.97 59.87 -25.12
CA LEU D 424 17.97 59.07 -26.34
C LEU D 424 18.80 59.78 -27.41
N ALA D 425 19.73 59.04 -28.01
CA ALA D 425 20.58 59.58 -29.08
C ALA D 425 20.07 59.18 -30.46
N ARG D 426 19.90 57.88 -30.70
CA ARG D 426 19.44 57.37 -32.00
C ARG D 426 20.30 57.91 -33.14
N ASN D 427 21.62 57.81 -32.98
CA ASN D 427 22.56 58.21 -34.02
C ASN D 427 22.84 57.05 -34.97
N CYS D 428 21.76 56.44 -35.48
CA CYS D 428 21.75 55.29 -36.38
C CYS D 428 22.34 54.04 -35.75
N GLY D 429 22.80 54.10 -34.51
CA GLY D 429 23.39 52.92 -33.89
C GLY D 429 22.83 52.55 -32.53
N ARG D 430 22.19 53.50 -31.84
CA ARG D 430 21.72 53.23 -30.49
C ARG D 430 20.61 52.19 -30.49
N GLU D 431 19.59 52.39 -31.30
CA GLU D 431 18.49 51.43 -31.36
C GLU D 431 18.97 50.09 -31.90
N SER D 432 19.88 50.11 -32.87
CA SER D 432 20.41 48.85 -33.40
C SER D 432 21.14 48.07 -32.33
N ARG D 433 22.01 48.73 -31.56
CA ARG D 433 22.72 48.05 -30.49
C ARG D 433 21.76 47.54 -29.42
N VAL D 434 20.75 48.34 -29.07
CA VAL D 434 19.78 47.91 -28.08
C VAL D 434 19.04 46.66 -28.56
N ASP D 435 18.64 46.65 -29.83
CA ASP D 435 17.89 45.51 -30.35
C ASP D 435 18.76 44.25 -30.40
N VAL D 436 20.00 44.38 -30.86
CA VAL D 436 20.86 43.19 -30.94
C VAL D 436 21.18 42.68 -29.55
N ALA D 437 21.40 43.59 -28.59
CA ALA D 437 21.64 43.17 -27.22
C ALA D 437 20.42 42.46 -26.64
N LYS D 438 19.23 42.99 -26.89
CA LYS D 438 18.02 42.35 -26.40
C LYS D 438 17.86 40.96 -26.99
N SER D 439 18.14 40.81 -28.29
CA SER D 439 18.02 39.51 -28.94
C SER D 439 19.00 38.50 -28.34
N VAL D 440 20.27 38.90 -28.18
CA VAL D 440 21.26 37.95 -27.70
C VAL D 440 21.03 37.60 -26.23
N THR D 441 20.60 38.57 -25.42
CA THR D 441 20.31 38.25 -24.02
C THR D 441 19.06 37.40 -23.88
N SER D 442 18.05 37.60 -24.74
CA SER D 442 16.91 36.71 -24.75
C SER D 442 17.33 35.29 -25.12
N GLY D 443 18.22 35.17 -26.09
CA GLY D 443 18.78 33.85 -26.42
C GLY D 443 19.47 33.21 -25.23
N LEU D 444 20.22 34.02 -24.47
CA LEU D 444 20.86 33.50 -23.26
C LEU D 444 19.84 33.04 -22.23
N GLY D 445 18.75 33.80 -22.08
CA GLY D 445 17.70 33.38 -21.17
C GLY D 445 17.08 32.05 -21.56
N TYR D 446 16.78 31.88 -22.84
CA TYR D 446 16.26 30.60 -23.28
C TYR D 446 17.29 29.49 -23.14
N MET D 447 18.58 29.83 -23.26
CA MET D 447 19.63 28.86 -22.96
C MET D 447 19.54 28.38 -21.52
N HIS D 448 19.32 29.31 -20.59
CA HIS D 448 19.14 28.91 -19.19
C HIS D 448 17.89 28.05 -19.02
N CYS D 449 16.82 28.40 -19.72
CA CYS D 449 15.59 27.62 -19.63
C CYS D 449 15.84 26.18 -20.10
N CYS D 450 16.61 26.02 -21.18
CA CYS D 450 16.97 24.68 -21.64
C CYS D 450 17.99 24.01 -20.72
N LEU D 451 18.75 24.79 -19.96
CA LEU D 451 19.83 24.26 -19.14
C LEU D 451 19.37 23.82 -17.75
N ASN D 452 18.24 24.33 -17.27
CA ASN D 452 17.87 24.05 -15.88
C ASN D 452 17.55 22.59 -15.54
N PRO D 453 17.12 21.68 -16.45
CA PRO D 453 16.95 20.29 -16.01
C PRO D 453 18.26 19.61 -15.68
N LEU D 454 19.36 20.02 -16.31
CA LEU D 454 20.67 19.54 -15.89
C LEU D 454 20.98 19.97 -14.46
N LEU D 455 20.63 21.23 -14.12
CA LEU D 455 20.92 21.73 -12.79
C LEU D 455 20.06 21.07 -11.72
N TYR D 456 18.80 20.76 -12.04
CA TYR D 456 17.85 20.36 -11.02
C TYR D 456 17.59 18.86 -10.97
N ALA D 457 17.77 18.12 -12.05
CA ALA D 457 17.37 16.71 -12.09
C ALA D 457 18.55 15.77 -12.21
N PHE D 458 19.40 15.94 -13.22
CA PHE D 458 20.46 14.97 -13.49
C PHE D 458 21.56 14.99 -12.44
N VAL D 459 21.60 15.98 -11.56
CA VAL D 459 22.57 15.98 -10.46
C VAL D 459 22.05 15.26 -9.23
N GLY D 460 20.75 14.97 -9.16
CA GLY D 460 20.21 14.27 -8.02
C GLY D 460 20.42 12.78 -8.14
N VAL D 461 20.94 12.16 -7.08
CA VAL D 461 21.15 10.71 -7.08
C VAL D 461 19.83 9.99 -7.23
N LYS D 462 18.79 10.47 -6.54
CA LYS D 462 17.47 9.83 -6.62
C LYS D 462 16.92 9.88 -8.04
N PHE D 463 17.04 11.03 -8.70
CA PHE D 463 16.53 11.16 -10.05
C PHE D 463 17.29 10.28 -11.03
N ARG D 464 18.63 10.24 -10.90
CA ARG D 464 19.42 9.37 -11.77
C ARG D 464 19.05 7.91 -11.55
N GLU D 465 18.86 7.50 -10.29
CA GLU D 465 18.47 6.13 -10.01
C GLU D 465 17.14 5.80 -10.64
N ARG D 466 16.15 6.69 -10.52
CA ARG D 466 14.85 6.42 -11.12
C ARG D 466 14.93 6.41 -12.64
N MET D 467 15.75 7.28 -13.22
CA MET D 467 15.90 7.28 -14.67
C MET D 467 16.51 5.98 -15.17
N TRP D 468 17.54 5.48 -14.49
CA TRP D 468 18.13 4.20 -14.88
C TRP D 468 17.15 3.06 -14.66
N MET D 469 16.37 3.12 -13.57
CA MET D 469 15.37 2.09 -13.32
C MET D 469 14.33 2.04 -14.44
N LEU D 470 13.86 3.20 -14.89
CA LEU D 470 12.95 3.22 -16.03
C LEU D 470 13.63 2.73 -17.29
N LEU D 471 14.88 3.15 -17.53
CA LEU D 471 15.57 2.80 -18.77
C LEU D 471 15.77 1.30 -18.89
N LEU D 472 16.17 0.64 -17.80
CA LEU D 472 16.36 -0.80 -17.85
C LEU D 472 15.05 -1.57 -17.73
N ARG D 473 13.97 -0.91 -17.30
CA ARG D 473 12.66 -1.57 -17.28
C ARG D 473 12.07 -1.69 -18.68
N LEU D 474 12.24 -0.67 -19.51
CA LEU D 474 11.74 -0.70 -20.89
C LEU D 474 12.82 -1.23 -21.83
N VAL E 2 -27.96 -5.19 20.81
CA VAL E 2 -28.38 -4.34 19.70
C VAL E 2 -29.87 -4.01 19.80
N GLN E 3 -30.19 -2.72 19.76
CA GLN E 3 -31.57 -2.29 19.79
C GLN E 3 -31.69 -0.87 19.26
N LEU E 4 -32.80 -0.61 18.58
CA LEU E 4 -33.18 0.71 18.09
C LEU E 4 -34.43 1.13 18.84
N VAL E 5 -34.42 2.33 19.43
CA VAL E 5 -35.52 2.81 20.24
C VAL E 5 -36.01 4.14 19.66
N GLU E 6 -37.32 4.24 19.44
CA GLU E 6 -37.90 5.39 18.77
C GLU E 6 -38.63 6.27 19.76
N SER E 7 -38.65 7.58 19.49
CA SER E 7 -39.34 8.54 20.33
C SER E 7 -39.77 9.73 19.48
N GLY E 8 -40.81 10.42 19.94
CA GLY E 8 -41.30 11.60 19.27
C GLY E 8 -42.69 11.50 18.67
N GLY E 9 -43.41 10.40 18.91
CA GLY E 9 -44.74 10.27 18.37
C GLY E 9 -45.78 11.01 19.18
N GLY E 10 -47.00 11.03 18.67
CA GLY E 10 -48.10 11.69 19.33
C GLY E 10 -49.06 12.30 18.33
N LEU E 11 -49.97 13.12 18.86
CA LEU E 11 -51.03 13.74 18.07
C LEU E 11 -50.58 15.14 17.65
N VAL E 12 -50.81 15.46 16.38
CA VAL E 12 -50.34 16.72 15.79
C VAL E 12 -51.44 17.29 14.90
N GLN E 13 -51.61 18.61 14.95
CA GLN E 13 -52.52 19.28 14.04
C GLN E 13 -51.91 19.36 12.64
N PRO E 14 -52.74 19.38 11.59
CA PRO E 14 -52.19 19.48 10.24
C PRO E 14 -51.42 20.78 10.05
N GLY E 15 -50.36 20.70 9.25
CA GLY E 15 -49.50 21.84 9.00
C GLY E 15 -48.43 22.06 10.03
N GLY E 16 -48.40 21.27 11.11
CA GLY E 16 -47.40 21.42 12.15
C GLY E 16 -46.04 20.89 11.74
N SER E 17 -45.26 20.48 12.74
CA SER E 17 -43.93 19.96 12.50
C SER E 17 -43.50 19.12 13.70
N ARG E 18 -42.75 18.06 13.43
CA ARG E 18 -42.25 17.19 14.48
C ARG E 18 -40.83 16.74 14.13
N LYS E 19 -40.19 16.12 15.11
CA LYS E 19 -38.85 15.54 14.93
C LYS E 19 -38.81 14.21 15.65
N LEU E 20 -38.78 13.12 14.88
CA LEU E 20 -38.66 11.78 15.45
C LEU E 20 -37.20 11.45 15.68
N SER E 21 -36.93 10.77 16.79
CA SER E 21 -35.58 10.40 17.18
C SER E 21 -35.48 8.89 17.29
N CYS E 22 -34.33 8.35 16.89
CA CYS E 22 -34.05 6.92 16.89
C CYS E 22 -32.68 6.73 17.53
N SER E 23 -32.68 6.20 18.75
CA SER E 23 -31.45 5.96 19.51
C SER E 23 -31.01 4.52 19.32
N ALA E 24 -29.76 4.33 18.95
CA ALA E 24 -29.22 3.02 18.63
C ALA E 24 -28.17 2.63 19.67
N SER E 25 -28.28 1.42 20.21
CA SER E 25 -27.30 0.95 21.17
C SER E 25 -26.94 -0.50 20.88
N GLY E 26 -25.66 -0.82 21.02
CA GLY E 26 -25.20 -2.19 20.88
C GLY E 26 -24.55 -2.54 19.57
N PHE E 27 -24.34 -1.57 18.67
CA PHE E 27 -23.66 -1.84 17.41
C PHE E 27 -22.96 -0.58 16.95
N ALA E 28 -22.07 -0.75 15.97
CA ALA E 28 -21.31 0.36 15.42
C ALA E 28 -22.21 1.23 14.55
N PHE E 29 -22.81 2.26 15.14
CA PHE E 29 -23.80 3.07 14.44
C PHE E 29 -23.21 3.78 13.23
N SER E 30 -21.90 4.07 13.25
CA SER E 30 -21.30 4.85 12.17
C SER E 30 -21.15 4.05 10.88
N SER E 31 -21.18 2.72 10.95
CA SER E 31 -20.93 1.87 9.79
C SER E 31 -22.19 1.47 9.05
N PHE E 32 -23.37 1.79 9.59
CA PHE E 32 -24.64 1.33 9.03
C PHE E 32 -25.39 2.49 8.41
N GLY E 33 -25.83 2.32 7.17
CA GLY E 33 -26.83 3.21 6.63
C GLY E 33 -28.16 3.03 7.34
N MET E 34 -28.97 4.07 7.34
CA MET E 34 -30.20 4.05 8.11
C MET E 34 -31.40 4.44 7.26
N HIS E 35 -32.51 3.74 7.49
CA HIS E 35 -33.75 3.95 6.77
C HIS E 35 -34.86 4.29 7.76
N TRP E 36 -35.75 5.17 7.33
CA TRP E 36 -37.04 5.39 7.99
C TRP E 36 -38.10 4.76 7.08
N VAL E 37 -38.88 3.85 7.66
CA VAL E 37 -39.97 3.17 6.95
C VAL E 37 -41.27 3.51 7.67
N ARG E 38 -42.36 3.54 6.91
CA ARG E 38 -43.66 3.95 7.43
C ARG E 38 -44.67 2.84 7.21
N GLN E 39 -45.55 2.63 8.19
CA GLN E 39 -46.67 1.71 8.05
C GLN E 39 -47.94 2.42 8.47
N ALA E 40 -48.82 2.68 7.51
CA ALA E 40 -50.11 3.28 7.80
C ALA E 40 -50.98 2.29 8.57
N PRO E 41 -51.93 2.79 9.37
CA PRO E 41 -52.79 1.88 10.15
C PRO E 41 -53.55 0.92 9.25
N GLU E 42 -53.35 -0.38 9.51
CA GLU E 42 -53.97 -1.47 8.75
C GLU E 42 -53.59 -1.42 7.28
N LYS E 43 -52.37 -1.00 6.95
CA LYS E 43 -51.89 -0.96 5.58
C LYS E 43 -50.47 -1.51 5.51
N GLY E 44 -49.95 -1.59 4.29
CA GLY E 44 -48.64 -2.13 4.07
C GLY E 44 -47.52 -1.18 4.41
N LEU E 45 -46.30 -1.70 4.36
CA LEU E 45 -45.12 -0.89 4.63
C LEU E 45 -44.85 0.06 3.48
N GLU E 46 -44.20 1.18 3.78
CA GLU E 46 -43.88 2.18 2.78
C GLU E 46 -42.59 2.87 3.15
N TRP E 47 -41.57 2.74 2.29
CA TRP E 47 -40.28 3.35 2.52
C TRP E 47 -40.40 4.87 2.53
N VAL E 48 -39.61 5.52 3.38
CA VAL E 48 -39.72 6.96 3.55
C VAL E 48 -38.39 7.66 3.27
N ALA E 49 -37.33 7.26 3.96
CA ALA E 49 -36.08 8.00 3.82
C ALA E 49 -34.89 7.09 4.06
N TYR E 50 -33.74 7.52 3.54
CA TYR E 50 -32.49 6.79 3.70
C TYR E 50 -31.34 7.77 3.81
N ILE E 51 -30.45 7.54 4.78
CA ILE E 51 -29.22 8.32 4.93
C ILE E 51 -28.05 7.35 4.97
N SER E 52 -27.01 7.65 4.21
CA SER E 52 -25.86 6.77 4.06
C SER E 52 -25.00 6.78 5.32
N SER E 53 -23.92 6.01 5.29
CA SER E 53 -22.92 6.07 6.36
C SER E 53 -21.94 7.20 6.06
N GLY E 54 -21.68 8.02 7.06
CA GLY E 54 -20.97 9.26 6.82
C GLY E 54 -21.82 10.36 6.23
N SER E 55 -23.14 10.17 6.18
CA SER E 55 -24.08 11.18 5.69
C SER E 55 -23.81 11.58 4.25
N GLY E 56 -23.18 10.69 3.48
CA GLY E 56 -22.84 10.98 2.11
C GLY E 56 -24.03 11.17 1.20
N THR E 57 -24.85 10.14 1.04
CA THR E 57 -26.01 10.18 0.15
C THR E 57 -27.29 10.12 0.96
N ILE E 58 -28.30 10.86 0.51
CA ILE E 58 -29.59 10.92 1.16
C ILE E 58 -30.67 10.73 0.09
N TYR E 59 -31.63 9.86 0.37
CA TYR E 59 -32.73 9.59 -0.54
C TYR E 59 -34.05 9.75 0.19
N TYR E 60 -35.06 10.29 -0.51
CA TYR E 60 -36.39 10.46 0.03
C TYR E 60 -37.41 9.84 -0.92
N ALA E 61 -38.55 9.44 -0.36
CA ALA E 61 -39.65 9.00 -1.19
C ALA E 61 -40.24 10.20 -1.94
N ASP E 62 -40.92 9.90 -3.05
CA ASP E 62 -41.51 10.98 -3.83
C ASP E 62 -42.62 11.69 -3.07
N THR E 63 -43.39 10.95 -2.28
CA THR E 63 -44.54 11.52 -1.57
C THR E 63 -44.16 12.29 -0.32
N VAL E 64 -42.90 12.20 0.14
CA VAL E 64 -42.44 12.92 1.32
C VAL E 64 -41.27 13.84 1.02
N LYS E 65 -40.89 13.99 -0.25
CA LYS E 65 -39.73 14.80 -0.60
C LYS E 65 -40.05 16.29 -0.45
N GLY E 66 -39.15 17.02 0.20
CA GLY E 66 -39.31 18.45 0.34
C GLY E 66 -39.73 18.89 1.73
N ARG E 67 -40.67 18.18 2.33
CA ARG E 67 -41.16 18.50 3.65
C ARG E 67 -40.59 17.61 4.75
N PHE E 68 -39.72 16.66 4.39
CA PHE E 68 -39.05 15.80 5.36
C PHE E 68 -37.54 15.99 5.23
N THR E 69 -36.83 15.72 6.33
CA THR E 69 -35.37 15.80 6.31
C THR E 69 -34.81 14.76 7.28
N ILE E 70 -34.00 13.85 6.76
CA ILE E 70 -33.35 12.83 7.59
C ILE E 70 -31.92 13.28 7.88
N SER E 71 -31.46 12.97 9.10
CA SER E 71 -30.10 13.31 9.47
C SER E 71 -29.65 12.34 10.56
N ARG E 72 -28.34 12.30 10.79
CA ARG E 72 -27.78 11.46 11.84
C ARG E 72 -26.75 12.25 12.63
N ASP E 73 -26.62 11.92 13.91
CA ASP E 73 -25.59 12.47 14.77
C ASP E 73 -24.87 11.26 15.38
N ASP E 74 -23.66 11.00 14.88
CA ASP E 74 -22.91 9.79 15.17
C ASP E 74 -22.25 9.81 16.55
N PRO E 75 -21.71 10.95 17.02
CA PRO E 75 -21.18 10.95 18.40
C PRO E 75 -22.18 10.52 19.45
N LYS E 76 -23.45 10.89 19.31
CA LYS E 76 -24.47 10.49 20.26
C LYS E 76 -25.29 9.29 19.80
N ASN E 77 -25.00 8.76 18.61
CA ASN E 77 -25.68 7.58 18.07
C ASN E 77 -27.19 7.80 17.97
N THR E 78 -27.58 8.83 17.22
CA THR E 78 -28.99 9.16 17.09
C THR E 78 -29.32 9.46 15.65
N LEU E 79 -30.55 9.15 15.25
CA LEU E 79 -31.04 9.40 13.90
C LEU E 79 -32.31 10.23 13.99
N PHE E 80 -32.35 11.37 13.31
CA PHE E 80 -33.47 12.29 13.38
C PHE E 80 -34.21 12.33 12.05
N LEU E 81 -35.53 12.40 12.13
CA LEU E 81 -36.39 12.71 10.99
C LEU E 81 -37.19 13.96 11.35
N GLN E 82 -36.82 15.09 10.77
CA GLN E 82 -37.53 16.34 10.96
C GLN E 82 -38.57 16.48 9.86
N MET E 83 -39.83 16.38 10.22
CA MET E 83 -40.94 16.40 9.27
C MET E 83 -41.77 17.65 9.48
N THR E 84 -42.16 18.29 8.37
CA THR E 84 -42.93 19.52 8.40
C THR E 84 -44.09 19.41 7.42
N SER E 85 -45.02 20.37 7.52
CA SER E 85 -46.20 20.42 6.67
C SER E 85 -46.98 19.11 6.73
N LEU E 86 -47.18 18.59 7.94
CA LEU E 86 -47.81 17.29 8.11
C LEU E 86 -49.23 17.28 7.58
N ARG E 87 -49.51 16.36 6.68
CA ARG E 87 -50.83 16.16 6.12
C ARG E 87 -51.59 15.12 6.95
N SER E 88 -52.82 14.81 6.55
CA SER E 88 -53.59 13.78 7.22
C SER E 88 -53.25 12.38 6.73
N GLU E 89 -52.39 12.26 5.72
CA GLU E 89 -51.95 10.97 5.21
C GLU E 89 -50.65 10.51 5.82
N ASP E 90 -50.08 11.27 6.76
CA ASP E 90 -48.83 10.91 7.42
C ASP E 90 -49.06 10.23 8.76
N THR E 91 -50.31 9.97 9.15
CA THR E 91 -50.58 9.23 10.38
C THR E 91 -50.22 7.77 10.16
N ALA E 92 -49.31 7.25 10.97
CA ALA E 92 -48.75 5.93 10.76
C ALA E 92 -47.86 5.58 11.95
N MET E 93 -47.15 4.45 11.80
CA MET E 93 -46.05 4.08 12.70
C MET E 93 -44.75 4.12 11.92
N TYR E 94 -43.71 4.69 12.51
CA TYR E 94 -42.42 4.87 11.87
C TYR E 94 -41.41 3.91 12.48
N TYR E 95 -40.72 3.16 11.62
CA TYR E 95 -39.69 2.22 12.00
C TYR E 95 -38.33 2.72 11.54
N CYS E 96 -37.32 2.40 12.33
CA CYS E 96 -35.92 2.77 12.10
C CYS E 96 -35.15 1.50 11.80
N VAL E 97 -34.54 1.43 10.62
CA VAL E 97 -33.95 0.19 10.11
C VAL E 97 -32.49 0.42 9.78
N ARG E 98 -31.62 -0.46 10.24
CA ARG E 98 -30.22 -0.40 9.88
C ARG E 98 -29.96 -1.27 8.64
N SER E 99 -28.97 -0.88 7.85
CA SER E 99 -28.63 -1.63 6.65
C SER E 99 -27.19 -1.30 6.27
N ILE E 100 -26.33 -2.31 6.27
CA ILE E 100 -24.92 -2.16 5.90
C ILE E 100 -24.70 -2.88 4.58
N TYR E 101 -23.94 -2.24 3.68
CA TYR E 101 -23.73 -2.75 2.34
C TYR E 101 -22.25 -3.01 2.10
N TYR E 102 -21.90 -4.27 1.89
CA TYR E 102 -20.64 -4.68 1.28
C TYR E 102 -20.92 -5.97 0.53
N TYR E 103 -19.86 -6.67 0.14
CA TYR E 103 -20.06 -7.92 -0.59
C TYR E 103 -20.49 -9.02 0.38
N GLY E 104 -21.69 -9.53 0.19
CA GLY E 104 -22.21 -10.60 1.03
C GLY E 104 -22.89 -10.15 2.30
N SER E 105 -23.23 -8.87 2.42
CA SER E 105 -23.89 -8.39 3.62
C SER E 105 -25.40 -8.68 3.55
N SER E 106 -26.09 -8.36 4.64
CA SER E 106 -27.54 -8.55 4.74
C SER E 106 -28.17 -7.25 5.22
N PRO E 107 -28.52 -6.35 4.31
CA PRO E 107 -29.21 -5.12 4.70
C PRO E 107 -30.61 -5.40 5.23
N PHE E 108 -31.11 -4.43 6.01
CA PHE E 108 -32.47 -4.45 6.55
C PHE E 108 -32.65 -5.56 7.58
N ASP E 109 -31.58 -5.95 8.27
CA ASP E 109 -31.66 -7.11 9.15
C ASP E 109 -32.35 -6.78 10.47
N PHE E 110 -32.18 -5.57 10.98
CA PHE E 110 -32.73 -5.20 12.29
C PHE E 110 -33.68 -4.02 12.15
N TRP E 111 -34.86 -4.14 12.75
CA TRP E 111 -35.88 -3.11 12.74
C TRP E 111 -36.16 -2.63 14.15
N GLY E 112 -36.35 -1.32 14.31
CA GLY E 112 -36.74 -0.77 15.58
C GLY E 112 -38.18 -1.09 15.92
N GLN E 113 -38.60 -0.61 17.11
CA GLN E 113 -39.96 -0.88 17.56
C GLN E 113 -40.98 0.03 16.90
N GLY E 114 -40.59 1.24 16.53
CA GLY E 114 -41.52 2.15 15.86
C GLY E 114 -42.22 3.09 16.82
N THR E 115 -42.44 4.30 16.35
CA THR E 115 -43.17 5.30 17.11
C THR E 115 -44.38 5.76 16.30
N THR E 116 -45.50 5.96 16.98
CA THR E 116 -46.77 6.27 16.32
C THR E 116 -46.95 7.78 16.22
N LEU E 117 -47.23 8.27 15.03
CA LEU E 117 -47.52 9.68 14.81
C LEU E 117 -48.88 9.81 14.15
N THR E 118 -49.77 10.57 14.77
CA THR E 118 -51.14 10.73 14.29
C THR E 118 -51.39 12.20 13.99
N VAL E 119 -52.10 12.44 12.88
CA VAL E 119 -52.48 13.79 12.48
C VAL E 119 -53.99 13.85 12.35
N SER E 120 -54.60 14.83 13.02
CA SER E 120 -56.05 14.96 12.98
C SER E 120 -56.50 15.51 11.63
N SER E 121 -57.82 15.51 11.44
CA SER E 121 -58.41 16.02 10.19
C SER E 121 -58.22 17.52 10.07
N SER E 136 -41.23 5.55 -8.04
CA SER E 136 -41.82 4.24 -7.80
C SER E 136 -42.13 3.53 -9.11
N ASP E 137 -41.16 3.55 -10.03
CA ASP E 137 -41.37 2.95 -11.35
C ASP E 137 -41.46 1.44 -11.31
N ILE E 138 -41.10 0.80 -10.20
CA ILE E 138 -41.26 -0.64 -10.02
C ILE E 138 -42.40 -0.88 -9.04
N VAL E 139 -43.46 -1.51 -9.52
CA VAL E 139 -44.59 -1.90 -8.67
C VAL E 139 -44.57 -3.41 -8.51
N MET E 140 -44.73 -3.87 -7.27
CA MET E 140 -44.66 -5.28 -6.95
C MET E 140 -45.99 -5.71 -6.35
N THR E 141 -46.57 -6.78 -6.89
CA THR E 141 -47.92 -7.20 -6.56
C THR E 141 -47.90 -8.56 -5.88
N GLN E 142 -48.51 -8.64 -4.70
CA GLN E 142 -48.78 -9.90 -4.02
C GLN E 142 -50.28 -10.12 -4.12
N ALA E 143 -50.70 -10.84 -5.17
CA ALA E 143 -52.13 -10.98 -5.47
C ALA E 143 -52.88 -11.62 -4.32
N THR E 144 -52.32 -12.68 -3.73
CA THR E 144 -52.97 -13.32 -2.60
C THR E 144 -52.90 -12.41 -1.38
N SER E 145 -54.01 -12.32 -0.64
CA SER E 145 -54.09 -11.47 0.53
C SER E 145 -54.19 -12.24 1.84
N SER E 146 -54.78 -13.43 1.83
CA SER E 146 -54.89 -14.24 3.04
C SER E 146 -54.83 -15.71 2.65
N VAL E 147 -54.32 -16.52 3.58
CA VAL E 147 -54.17 -17.96 3.36
C VAL E 147 -54.50 -18.69 4.65
N PRO E 148 -55.43 -19.65 4.64
CA PRO E 148 -55.72 -20.46 5.82
C PRO E 148 -54.81 -21.69 5.87
N VAL E 149 -54.13 -21.88 7.00
CA VAL E 149 -53.11 -22.92 7.12
C VAL E 149 -53.30 -23.69 8.41
N THR E 150 -52.68 -24.86 8.45
CA THR E 150 -52.57 -25.69 9.64
C THR E 150 -51.10 -26.02 9.87
N PRO E 151 -50.66 -26.12 11.14
CA PRO E 151 -49.24 -26.28 11.43
C PRO E 151 -48.68 -27.68 11.14
N GLY E 152 -48.98 -28.19 9.95
CA GLY E 152 -48.42 -29.46 9.52
C GLY E 152 -48.13 -29.55 8.03
N GLU E 153 -48.29 -28.45 7.30
CA GLU E 153 -48.14 -28.48 5.84
C GLU E 153 -47.07 -27.52 5.35
N SER E 154 -46.95 -27.39 4.03
CA SER E 154 -46.01 -26.48 3.39
C SER E 154 -46.77 -25.40 2.64
N VAL E 155 -46.32 -24.15 2.78
CA VAL E 155 -47.02 -23.00 2.23
C VAL E 155 -46.11 -22.28 1.24
N SER E 156 -46.69 -21.83 0.14
CA SER E 156 -45.97 -21.09 -0.90
C SER E 156 -46.61 -19.73 -1.06
N ILE E 157 -45.79 -18.68 -0.99
CA ILE E 157 -46.24 -17.30 -1.15
C ILE E 157 -45.54 -16.74 -2.38
N SER E 158 -46.32 -16.22 -3.32
CA SER E 158 -45.80 -15.78 -4.61
C SER E 158 -45.76 -14.26 -4.67
N CYS E 159 -44.66 -13.73 -5.20
CA CYS E 159 -44.50 -12.30 -5.42
C CYS E 159 -44.14 -12.08 -6.89
N ARG E 160 -44.60 -10.96 -7.44
CA ARG E 160 -44.38 -10.63 -8.84
C ARG E 160 -43.96 -9.19 -8.97
N SER E 161 -43.08 -8.93 -9.93
CA SER E 161 -42.51 -7.61 -10.16
C SER E 161 -42.93 -7.08 -11.52
N SER E 162 -42.85 -5.76 -11.68
CA SER E 162 -43.06 -5.14 -12.98
C SER E 162 -41.78 -5.01 -13.79
N LYS E 163 -40.63 -5.32 -13.19
CA LYS E 163 -39.34 -5.25 -13.87
C LYS E 163 -38.52 -6.46 -13.47
N SER E 164 -37.56 -6.81 -14.32
CA SER E 164 -36.65 -7.90 -14.03
C SER E 164 -35.70 -7.49 -12.91
N LEU E 165 -35.88 -8.07 -11.73
CA LEU E 165 -35.02 -7.76 -10.59
C LEU E 165 -33.62 -8.32 -10.75
N LEU E 166 -33.39 -9.21 -11.71
CA LEU E 166 -32.07 -9.76 -11.93
C LEU E 166 -31.17 -8.70 -12.57
N HIS E 167 -29.98 -8.53 -12.01
CA HIS E 167 -29.03 -7.54 -12.49
C HIS E 167 -27.96 -8.21 -13.33
N SER E 168 -27.18 -7.38 -14.03
CA SER E 168 -26.16 -7.89 -14.93
C SER E 168 -25.01 -8.58 -14.21
N ASN E 169 -24.92 -8.42 -12.88
CA ASN E 169 -23.87 -9.07 -12.10
C ASN E 169 -24.35 -10.36 -11.45
N GLY E 170 -25.49 -10.90 -11.89
CA GLY E 170 -25.96 -12.18 -11.39
C GLY E 170 -26.73 -12.14 -10.10
N ASN E 171 -27.04 -10.95 -9.57
CA ASN E 171 -27.71 -10.79 -8.29
C ASN E 171 -29.15 -10.36 -8.52
N THR E 172 -30.09 -11.11 -7.94
CA THR E 172 -31.50 -10.76 -7.95
C THR E 172 -31.82 -10.10 -6.61
N TYR E 173 -32.31 -8.87 -6.67
CA TYR E 173 -32.46 -8.05 -5.46
C TYR E 173 -33.90 -8.11 -4.98
N LEU E 174 -34.22 -9.19 -4.29
CA LEU E 174 -35.54 -9.35 -3.66
C LEU E 174 -35.35 -9.76 -2.20
N TYR E 175 -36.10 -9.12 -1.31
CA TYR E 175 -36.01 -9.36 0.12
C TYR E 175 -37.38 -9.77 0.65
N TRP E 176 -37.40 -10.75 1.54
CA TRP E 176 -38.63 -11.23 2.16
C TRP E 176 -38.58 -10.91 3.65
N PHE E 177 -39.59 -10.18 4.13
CA PHE E 177 -39.74 -9.80 5.53
C PHE E 177 -41.01 -10.42 6.10
N LEU E 178 -40.99 -10.67 7.40
CA LEU E 178 -42.13 -11.23 8.12
C LEU E 178 -42.48 -10.32 9.29
N GLN E 179 -43.76 -9.97 9.41
CA GLN E 179 -44.25 -9.15 10.51
C GLN E 179 -45.28 -9.96 11.30
N ARG E 180 -44.93 -10.29 12.53
CA ARG E 180 -45.85 -10.99 13.42
C ARG E 180 -46.81 -10.00 14.05
N PRO E 181 -47.98 -10.46 14.51
CA PRO E 181 -48.95 -9.55 15.10
C PRO E 181 -48.40 -8.86 16.34
N GLY E 182 -48.46 -7.53 16.35
CA GLY E 182 -48.01 -6.75 17.48
C GLY E 182 -46.53 -6.48 17.54
N GLN E 183 -45.77 -6.83 16.50
CA GLN E 183 -44.32 -6.66 16.48
C GLN E 183 -43.91 -5.91 15.22
N SER E 184 -42.60 -5.79 15.04
CA SER E 184 -41.91 -5.15 13.92
C SER E 184 -41.40 -6.21 12.94
N PRO E 185 -41.39 -5.91 11.65
CA PRO E 185 -40.96 -6.89 10.65
C PRO E 185 -39.50 -7.29 10.86
N GLN E 186 -39.20 -8.55 10.54
CA GLN E 186 -37.85 -9.07 10.63
C GLN E 186 -37.43 -9.66 9.30
N LEU E 187 -36.16 -9.52 8.97
CA LEU E 187 -35.63 -10.04 7.71
C LEU E 187 -35.71 -11.56 7.70
N LEU E 188 -36.37 -12.12 6.70
CA LEU E 188 -36.36 -13.56 6.48
C LEU E 188 -35.35 -13.96 5.43
N ILE E 189 -35.39 -13.34 4.25
CA ILE E 189 -34.53 -13.72 3.14
C ILE E 189 -34.01 -12.48 2.44
N TYR E 190 -32.73 -12.48 2.08
CA TYR E 190 -32.15 -11.38 1.33
C TYR E 190 -31.60 -11.91 0.01
N ARG E 191 -31.83 -11.13 -1.06
CA ARG E 191 -31.42 -11.46 -2.42
C ARG E 191 -32.01 -12.78 -2.90
N MET E 192 -33.25 -13.06 -2.48
CA MET E 192 -34.11 -14.05 -3.09
C MET E 192 -33.70 -15.49 -2.80
N SER E 193 -32.53 -15.69 -2.20
CA SER E 193 -32.07 -17.05 -1.92
C SER E 193 -31.46 -17.26 -0.54
N ASN E 194 -30.96 -16.22 0.12
CA ASN E 194 -30.14 -16.37 1.31
C ASN E 194 -30.98 -16.18 2.57
N LEU E 195 -30.86 -17.12 3.50
CA LEU E 195 -31.55 -17.00 4.78
C LEU E 195 -30.79 -16.06 5.71
N ALA E 196 -31.53 -15.20 6.39
CA ALA E 196 -30.93 -14.29 7.35
C ALA E 196 -30.43 -15.04 8.57
N SER E 197 -29.58 -14.39 9.35
CA SER E 197 -29.03 -15.00 10.55
C SER E 197 -30.13 -15.26 11.57
N GLY E 198 -30.08 -16.42 12.20
CA GLY E 198 -31.07 -16.78 13.20
C GLY E 198 -32.45 -17.02 12.64
N VAL E 199 -32.54 -17.64 11.47
CA VAL E 199 -33.82 -17.97 10.84
C VAL E 199 -33.87 -19.48 10.67
N PRO E 200 -34.96 -20.14 11.05
CA PRO E 200 -35.02 -21.60 10.92
C PRO E 200 -34.88 -22.05 9.47
N ASP E 201 -34.27 -23.22 9.30
CA ASP E 201 -33.95 -23.74 7.97
C ASP E 201 -35.20 -24.05 7.15
N ARG E 202 -36.37 -24.16 7.80
CA ARG E 202 -37.58 -24.53 7.09
C ARG E 202 -37.97 -23.51 6.02
N PHE E 203 -37.56 -22.26 6.18
CA PHE E 203 -37.85 -21.25 5.17
C PHE E 203 -36.91 -21.41 3.97
N SER E 204 -37.42 -21.11 2.79
CA SER E 204 -36.61 -21.14 1.59
C SER E 204 -37.18 -20.15 0.58
N GLY E 205 -36.35 -19.73 -0.36
CA GLY E 205 -36.77 -18.78 -1.38
C GLY E 205 -36.20 -19.15 -2.72
N SER E 206 -36.94 -18.82 -3.78
CA SER E 206 -36.48 -19.06 -5.13
C SER E 206 -37.23 -18.12 -6.06
N GLY E 207 -36.94 -18.21 -7.34
CA GLY E 207 -37.63 -17.40 -8.33
C GLY E 207 -36.77 -17.19 -9.55
N SER E 208 -37.27 -16.32 -10.43
CA SER E 208 -36.57 -16.00 -11.68
C SER E 208 -37.06 -14.64 -12.15
N GLY E 209 -36.18 -13.64 -12.06
CA GLY E 209 -36.32 -12.42 -12.84
C GLY E 209 -37.50 -11.56 -12.46
N THR E 210 -38.69 -12.16 -12.59
CA THR E 210 -39.94 -11.43 -12.41
C THR E 210 -40.94 -12.18 -11.54
N ALA E 211 -40.77 -13.49 -11.32
CA ALA E 211 -41.69 -14.25 -10.48
C ALA E 211 -40.89 -14.96 -9.39
N PHE E 212 -41.26 -14.72 -8.13
CA PHE E 212 -40.51 -15.25 -7.00
C PHE E 212 -41.44 -15.96 -6.04
N THR E 213 -40.88 -16.87 -5.25
CA THR E 213 -41.66 -17.72 -4.37
C THR E 213 -40.92 -17.92 -3.06
N LEU E 214 -41.66 -17.81 -1.95
CA LEU E 214 -41.22 -18.16 -0.62
C LEU E 214 -41.90 -19.46 -0.21
N THR E 215 -41.14 -20.40 0.34
CA THR E 215 -41.65 -21.72 0.68
C THR E 215 -41.37 -22.00 2.16
N ILE E 216 -42.39 -22.46 2.87
CA ILE E 216 -42.27 -22.88 4.26
C ILE E 216 -42.60 -24.36 4.31
N SER E 217 -41.67 -25.18 4.81
CA SER E 217 -41.82 -26.63 4.73
C SER E 217 -42.83 -27.14 5.74
N ARG E 218 -42.60 -26.89 7.03
CA ARG E 218 -43.51 -27.33 8.08
C ARG E 218 -43.72 -26.16 9.04
N LEU E 219 -44.92 -25.58 9.02
CA LEU E 219 -45.19 -24.40 9.82
C LEU E 219 -45.33 -24.77 11.30
N GLU E 220 -45.32 -23.73 12.13
CA GLU E 220 -45.60 -23.85 13.56
C GLU E 220 -46.53 -22.72 13.98
N ALA E 221 -46.72 -22.54 15.29
CA ALA E 221 -47.60 -21.49 15.76
C ALA E 221 -47.01 -20.10 15.54
N GLU E 222 -45.69 -19.98 15.38
CA GLU E 222 -45.02 -18.70 15.24
C GLU E 222 -44.71 -18.34 13.80
N ASP E 223 -45.24 -19.08 12.84
CA ASP E 223 -45.01 -18.80 11.42
C ASP E 223 -46.13 -17.96 10.80
N VAL E 224 -47.11 -17.52 11.58
CA VAL E 224 -48.22 -16.75 11.06
C VAL E 224 -47.86 -15.26 11.09
N GLY E 225 -48.57 -14.47 10.28
CA GLY E 225 -48.31 -13.05 10.20
C GLY E 225 -48.39 -12.58 8.77
N VAL E 226 -47.80 -11.41 8.51
CA VAL E 226 -47.88 -10.78 7.20
C VAL E 226 -46.50 -10.83 6.55
N TYR E 227 -46.44 -11.28 5.31
CA TYR E 227 -45.20 -11.45 4.57
C TYR E 227 -45.10 -10.40 3.47
N TYR E 228 -43.93 -9.74 3.39
CA TYR E 228 -43.70 -8.69 2.41
C TYR E 228 -42.50 -9.01 1.54
N CYS E 229 -42.56 -8.59 0.28
CA CYS E 229 -41.47 -8.77 -0.68
C CYS E 229 -41.03 -7.40 -1.19
N MET E 230 -39.86 -6.95 -0.76
CA MET E 230 -39.31 -5.66 -1.14
C MET E 230 -38.27 -5.84 -2.25
N GLN E 231 -38.10 -4.81 -3.07
CA GLN E 231 -37.07 -4.78 -4.09
C GLN E 231 -35.96 -3.80 -3.68
N HIS E 232 -34.74 -4.12 -4.08
CA HIS E 232 -33.60 -3.25 -3.82
C HIS E 232 -32.80 -3.00 -5.09
N LEU E 233 -33.46 -2.98 -6.24
CA LEU E 233 -32.79 -2.73 -7.51
C LEU E 233 -32.73 -1.24 -7.83
N GLU E 234 -33.89 -0.60 -7.94
CA GLU E 234 -33.99 0.85 -8.07
C GLU E 234 -34.38 1.42 -6.72
N TYR E 235 -33.87 2.61 -6.42
CA TYR E 235 -33.83 2.98 -5.01
C TYR E 235 -35.18 3.35 -4.39
N PRO E 236 -36.19 3.79 -5.15
CA PRO E 236 -37.52 3.99 -4.53
C PRO E 236 -37.96 2.89 -3.56
N LEU E 237 -37.52 1.64 -3.74
CA LEU E 237 -37.71 0.57 -2.75
C LEU E 237 -39.18 0.37 -2.39
N THR E 238 -39.95 -0.06 -3.38
CA THR E 238 -41.36 -0.38 -3.13
C THR E 238 -41.49 -1.71 -2.41
N PHE E 239 -42.62 -1.89 -1.73
CA PHE E 239 -42.84 -3.04 -0.86
C PHE E 239 -43.95 -3.96 -1.35
N GLY E 240 -45.11 -3.43 -1.69
CA GLY E 240 -46.22 -4.29 -2.06
C GLY E 240 -46.95 -4.81 -0.83
N ALA E 241 -48.27 -4.86 -0.89
CA ALA E 241 -49.05 -5.30 0.26
C ALA E 241 -48.77 -6.77 0.55
N GLY E 242 -48.62 -7.10 1.83
CA GLY E 242 -48.19 -8.41 2.23
C GLY E 242 -49.28 -9.46 2.11
N THR E 243 -48.89 -10.70 2.36
CA THR E 243 -49.81 -11.84 2.38
C THR E 243 -49.98 -12.30 3.82
N LYS E 244 -51.23 -12.50 4.23
CA LYS E 244 -51.57 -12.82 5.61
C LYS E 244 -51.71 -14.33 5.77
N LEU E 245 -51.07 -14.87 6.80
CA LEU E 245 -51.19 -16.26 7.19
C LEU E 245 -51.71 -16.32 8.62
N GLU E 246 -52.80 -17.07 8.82
CA GLU E 246 -53.48 -17.15 10.10
C GLU E 246 -53.95 -18.58 10.32
N LEU E 247 -54.47 -18.84 11.52
CA LEU E 247 -54.99 -20.13 11.92
C LEU E 247 -53.94 -21.23 11.76
C1 CLR F . 1.50 19.90 -15.94
C2 CLR F . 1.73 18.63 -15.11
C3 CLR F . 1.16 18.76 -13.72
C4 CLR F . -0.32 19.11 -13.79
C5 CLR F . -0.58 20.34 -14.63
C6 CLR F . -1.25 21.37 -14.16
C7 CLR F . -1.63 22.59 -14.93
C8 CLR F . -1.41 22.41 -16.43
C9 CLR F . -0.06 21.72 -16.68
C10 CLR F . 0.02 20.32 -16.04
C11 CLR F . 0.32 21.71 -18.17
C12 CLR F . 0.19 23.09 -18.85
C13 CLR F . -1.20 23.67 -18.65
C14 CLR F . -1.44 23.75 -17.13
C15 CLR F . -2.66 24.65 -16.99
C16 CLR F . -2.47 25.70 -18.09
C17 CLR F . -1.39 25.16 -19.07
C18 CLR F . -2.25 22.80 -19.35
C19 CLR F . -0.74 19.27 -16.87
C20 CLR F . -1.74 25.48 -20.53
C21 CLR F . -0.52 25.49 -21.44
C22 CLR F . -2.48 26.83 -20.62
C23 CLR F . -2.02 27.74 -21.72
C24 CLR F . -2.90 27.70 -22.94
C25 CLR F . -3.34 29.06 -23.49
C26 CLR F . -4.62 29.52 -22.81
C27 CLR F . -3.53 29.02 -25.00
O1 CLR F . 1.33 17.54 -13.00
C1 CLR G . -8.64 36.93 -31.77
C2 CLR G . -8.83 37.66 -33.10
C3 CLR G . -8.12 36.94 -34.22
C4 CLR G . -8.63 35.51 -34.31
C5 CLR G . -8.48 34.77 -33.01
C6 CLR G . -7.87 33.60 -32.95
C7 CLR G . -7.69 32.78 -31.72
C8 CLR G . -8.61 33.24 -30.59
C9 CLR G . -8.57 34.77 -30.48
C10 CLR G . -9.09 35.45 -31.77
C11 CLR G . -9.30 35.28 -29.23
C12 CLR G . -8.97 34.51 -27.93
C13 CLR G . -9.15 33.00 -28.12
C14 CLR G . -8.20 32.62 -29.27
C15 CLR G . -8.05 31.10 -29.17
C16 CLR G . -7.92 30.90 -27.64
C17 CLR G . -8.65 32.08 -26.96
C18 CLR G . -10.61 32.67 -28.45
C19 CLR G . -10.62 35.37 -31.89
C20 CLR G . -9.66 31.60 -25.91
C21 CLR G . -10.20 32.72 -25.04
C22 CLR G . -9.03 30.49 -25.05
C23 CLR G . -8.59 30.93 -23.68
C24 CLR G . -9.48 30.44 -22.58
C25 CLR G . -9.62 31.38 -21.37
C26 CLR G . -9.17 32.79 -21.70
C27 CLR G . -8.85 30.83 -20.18
O1 CLR G . -8.36 37.62 -35.46
C4 4AI H . 10.77 38.73 -24.32
C3 4AI H . 9.73 38.03 -23.48
C2 4AI H . 10.23 37.78 -22.06
C1 4AI H . 11.74 37.68 -22.02
C6 4AI H . 12.27 37.01 -23.27
C5 4AI H . 11.98 37.84 -24.51
C7 4AI H . 10.20 39.17 -25.66
N1 4AI H . 11.23 39.36 -26.66
N5 4AI H . 12.56 39.11 -28.94
C9 4AI H . 12.26 40.49 -28.57
C8 4AI H . 11.38 40.51 -27.32
O1 4AI H . 10.84 41.56 -26.96
C10 4AI H . 11.58 41.23 -29.71
C11 4AI H . 12.55 41.75 -30.78
C12 4AI H . 11.80 42.24 -31.99
N2 4AI H . 10.47 41.60 -32.07
C13 4AI H . 9.57 42.00 -32.94
N3 4AI H . 8.83 41.11 -33.61
N4 4AI H . 9.36 43.29 -33.19
C14 4AI H . 13.74 38.77 -29.50
N6 4AI H . 12.51 36.73 -30.24
O2 4AI H . 14.68 39.55 -29.49
C16 4AI H . 14.48 37.51 -31.51
C17 4AI H . 13.55 38.23 -32.44
C18 4AI H . 13.99 39.22 -33.32
C19 4AI H . 13.12 39.86 -34.17
C20 4AI H . 11.78 39.51 -34.15
C21 4AI H . 11.33 38.54 -33.28
C22 4AI H . 12.21 37.89 -32.43
C23 4AI H . 11.73 36.81 -31.49
C15 4AI H . 13.83 37.38 -30.13
C24 4AI H . 12.07 36.06 -29.15
C25 4AI H . 10.63 35.65 -29.10
C26 4AI H . 9.77 36.70 -28.44
C27 4AI H . 8.42 36.15 -28.05
C28 4AI H . 7.27 37.09 -27.93
C29 4AI H . 6.35 36.94 -26.89
C30 4AI H . 5.29 37.82 -26.78
C31 4AI H . 5.14 38.84 -27.69
C32 4AI H . 6.04 38.99 -28.71
C33 4AI H . 7.11 38.12 -28.84
O3 4AI H . 12.81 35.82 -28.21
O4 4AI H . 8.28 34.97 -27.84
#